data_2VA0
#
_entry.id   2VA0
#
_cell.length_a   107.772
_cell.length_b   80.014
_cell.length_c   101.977
_cell.angle_alpha   90.00
_cell.angle_beta   90.00
_cell.angle_gamma   90.00
#
_symmetry.space_group_name_H-M   'P 21 21 2'
#
loop_
_entity.id
_entity.type
_entity.pdbx_description
1 polymer 'ABFS ARABINOFURANOSIDASE TWO COMPONENT SYSTEM SENSOR PROTEIN'
2 non-polymer 'PHOSPHATE ION'
3 non-polymer 'CHLORIDE ION'
4 water water
#
_entity_poly.entity_id   1
_entity_poly.type   'polypeptide(L)'
_entity_poly.pdbx_seq_one_letter_code
;MYLPDDSPAKRLLFQMVGNAINRNTQQLTQDLRAMPNWSLRFVYIVDRNNQDLLKRPLPPGIMVLAPRLTAKHPYDKVQD
RNRKLYGRHITLNDGNSVKVVTISAGRDEGPDRDIIWEMFLENLEHHHHHH
;
_entity_poly.pdbx_strand_id   A,B,C,D,E,F
#
loop_
_chem_comp.id
_chem_comp.type
_chem_comp.name
_chem_comp.formula
CL non-polymer 'CHLORIDE ION' 'Cl -1'
PO4 non-polymer 'PHOSPHATE ION' 'O4 P -3'
#
# COMPACT_ATOMS: atom_id res chain seq x y z
N SER A 7 51.79 -11.47 22.94
CA SER A 7 51.52 -11.65 21.48
C SER A 7 50.61 -12.85 21.16
N PRO A 8 50.77 -13.97 21.91
CA PRO A 8 49.63 -14.88 22.06
C PRO A 8 48.42 -14.13 22.56
N ALA A 9 48.61 -13.21 23.49
CA ALA A 9 47.49 -12.41 24.01
C ALA A 9 46.85 -11.57 22.91
N LYS A 10 47.69 -11.02 22.03
CA LYS A 10 47.21 -10.15 20.93
C LYS A 10 46.43 -10.98 19.91
N ARG A 11 46.91 -12.19 19.63
CA ARG A 11 46.24 -13.10 18.68
C ARG A 11 44.93 -13.64 19.29
N LEU A 12 44.89 -13.70 20.60
CA LEU A 12 43.64 -14.08 21.26
C LEU A 12 42.63 -12.96 21.11
N LEU A 13 43.05 -11.73 21.38
CA LEU A 13 42.18 -10.56 21.18
C LEU A 13 41.60 -10.56 19.80
N PHE A 14 42.46 -10.68 18.80
CA PHE A 14 42.10 -10.76 17.39
C PHE A 14 40.97 -11.79 17.14
N GLN A 15 41.14 -13.01 17.63
CA GLN A 15 40.21 -14.08 17.26
C GLN A 15 38.91 -13.85 18.01
N MET A 16 39.06 -13.39 19.24
CA MET A 16 37.90 -13.13 20.04
C MET A 16 37.01 -11.99 19.45
N VAL A 17 37.68 -10.91 19.01
CA VAL A 17 36.96 -9.80 18.43
C VAL A 17 36.29 -10.26 17.10
N GLY A 18 37.04 -11.02 16.31
CA GLY A 18 36.53 -11.61 15.10
C GLY A 18 35.25 -12.40 15.32
N ASN A 19 35.15 -13.11 16.42
CA ASN A 19 33.92 -13.87 16.73
C ASN A 19 32.85 -12.94 17.29
N ALA A 20 33.23 -12.12 18.23
CA ALA A 20 32.27 -11.33 19.00
C ALA A 20 31.46 -10.34 18.16
N ILE A 21 32.08 -9.80 17.12
CA ILE A 21 31.45 -8.72 16.35
C ILE A 21 30.15 -9.20 15.71
N ASN A 22 30.01 -10.50 15.50
CA ASN A 22 28.78 -11.06 14.94
C ASN A 22 27.89 -11.70 15.94
N ARG A 23 27.97 -11.28 17.19
CA ARG A 23 27.17 -11.89 18.25
C ARG A 23 26.46 -10.84 19.07
N ASN A 24 25.39 -11.25 19.74
CA ASN A 24 24.68 -10.32 20.62
C ASN A 24 25.16 -10.54 22.03
N THR A 25 24.63 -9.81 23.00
CA THR A 25 25.16 -9.88 24.37
C THR A 25 25.02 -11.28 24.93
N GLN A 26 23.86 -11.87 24.75
CA GLN A 26 23.58 -13.11 25.42
C GLN A 26 24.43 -14.20 24.79
N GLN A 27 24.51 -14.20 23.47
CA GLN A 27 25.34 -15.19 22.78
C GLN A 27 26.82 -15.05 23.11
N LEU A 28 27.30 -13.84 23.24
CA LEU A 28 28.72 -13.63 23.58
C LEU A 28 29.01 -14.04 24.99
N THR A 29 28.03 -13.89 25.88
CA THR A 29 28.15 -14.33 27.25
C THR A 29 28.30 -15.85 27.33
N GLN A 30 27.45 -16.58 26.60
CA GLN A 30 27.50 -18.01 26.66
C GLN A 30 28.72 -18.54 25.94
N ASP A 31 29.17 -17.92 24.86
CA ASP A 31 30.36 -18.49 24.25
C ASP A 31 31.64 -18.18 25.08
N LEU A 32 31.61 -17.07 25.82
CA LEU A 32 32.66 -16.79 26.82
C LEU A 32 32.65 -17.84 27.95
N ARG A 33 31.46 -18.21 28.41
CA ARG A 33 31.30 -19.25 29.44
C ARG A 33 31.78 -20.62 28.97
N ALA A 34 31.57 -20.91 27.68
CA ALA A 34 31.95 -22.20 27.07
C ALA A 34 33.46 -22.38 26.88
N MET A 35 34.24 -21.33 27.09
CA MET A 35 35.68 -21.44 26.97
C MET A 35 36.27 -22.16 28.19
N PRO A 36 37.39 -22.89 27.99
CA PRO A 36 37.99 -23.64 29.09
C PRO A 36 38.61 -22.72 30.14
N ASN A 37 38.50 -23.12 31.40
CA ASN A 37 38.92 -22.30 32.53
C ASN A 37 40.34 -21.73 32.40
N TRP A 38 41.24 -22.55 31.88
CA TRP A 38 42.64 -22.17 31.78
C TRP A 38 42.82 -20.99 30.79
N SER A 39 41.91 -20.88 29.84
CA SER A 39 41.96 -19.78 28.86
C SER A 39 41.15 -18.52 29.28
N LEU A 40 40.15 -18.71 30.12
CA LEU A 40 39.39 -17.61 30.67
C LEU A 40 40.26 -16.68 31.49
N ARG A 41 41.24 -17.22 32.22
CA ARG A 41 42.14 -16.37 33.05
C ARG A 41 42.86 -15.29 32.23
N PHE A 42 42.75 -15.38 30.90
CA PHE A 42 43.42 -14.45 29.98
C PHE A 42 42.49 -13.52 29.20
N VAL A 43 41.17 -13.67 29.33
CA VAL A 43 40.23 -12.82 28.58
C VAL A 43 39.12 -12.29 29.46
N TYR A 44 38.86 -11.00 29.36
CA TYR A 44 37.70 -10.39 30.00
C TYR A 44 36.90 -9.59 28.95
N ILE A 45 35.58 -9.58 29.08
CA ILE A 45 34.73 -8.81 28.18
C ILE A 45 33.89 -7.93 29.07
N VAL A 46 34.23 -6.64 29.06
CA VAL A 46 33.68 -5.69 30.03
C VAL A 46 32.58 -4.86 29.41
N ASP A 47 31.43 -4.82 30.06
CA ASP A 47 30.25 -4.12 29.54
C ASP A 47 30.22 -2.64 29.93
N ARG A 48 29.18 -1.93 29.52
CA ARG A 48 29.01 -0.51 29.84
C ARG A 48 28.93 -0.14 31.34
N ASN A 49 28.73 -1.15 32.20
CA ASN A 49 28.74 -0.97 33.64
C ASN A 49 30.06 -1.36 34.29
N ASN A 50 31.07 -1.54 33.44
CA ASN A 50 32.37 -2.00 33.86
C ASN A 50 32.31 -3.35 34.59
N GLN A 51 31.39 -4.17 34.14
CA GLN A 51 31.25 -5.55 34.62
C GLN A 51 31.67 -6.54 33.54
N ASP A 52 32.43 -7.55 33.96
CA ASP A 52 32.74 -8.69 33.10
C ASP A 52 31.43 -9.43 32.81
N LEU A 53 31.29 -9.96 31.60
CA LEU A 53 30.02 -10.58 31.17
C LEU A 53 29.70 -11.81 31.99
N LEU A 54 30.70 -12.42 32.63
CA LEU A 54 30.43 -13.52 33.59
C LEU A 54 30.49 -13.02 35.02
N LYS A 55 30.40 -11.70 35.22
CA LYS A 55 30.45 -11.11 36.58
C LYS A 55 31.72 -11.48 37.40
N ARG A 56 32.83 -11.74 36.75
CA ARG A 56 34.08 -12.04 37.44
C ARG A 56 34.72 -10.73 37.91
N PRO A 57 35.47 -10.78 39.02
CA PRO A 57 36.09 -9.56 39.47
C PRO A 57 37.20 -9.24 38.50
N LEU A 58 37.38 -7.96 38.21
CA LEU A 58 38.36 -7.58 37.21
C LEU A 58 39.75 -7.48 37.81
N PRO A 59 40.73 -8.21 37.24
CA PRO A 59 42.06 -8.07 37.83
C PRO A 59 42.59 -6.66 37.65
N PRO A 60 43.54 -6.26 38.50
CA PRO A 60 43.96 -4.89 38.42
C PRO A 60 44.71 -4.74 37.12
N GLY A 61 44.58 -3.62 36.45
CA GLY A 61 45.19 -3.46 35.16
C GLY A 61 44.12 -3.40 34.08
N ILE A 62 43.12 -4.29 34.17
CA ILE A 62 42.00 -4.20 33.29
C ILE A 62 41.44 -2.79 33.30
N MET A 63 41.29 -2.24 34.51
CA MET A 63 40.68 -0.91 34.67
C MET A 63 41.64 0.25 34.49
N VAL A 64 42.89 -0.03 34.14
CA VAL A 64 43.76 1.01 33.65
C VAL A 64 43.55 1.12 32.13
N LEU A 65 43.38 -0.03 31.47
CA LEU A 65 43.21 -0.07 30.02
C LEU A 65 41.78 0.29 29.57
N ALA A 66 40.75 -0.22 30.26
CA ALA A 66 39.35 -0.10 29.78
C ALA A 66 38.91 1.33 29.51
N PRO A 67 39.10 2.26 30.47
CA PRO A 67 38.71 3.66 30.23
C PRO A 67 39.29 4.33 28.97
N ARG A 68 40.37 3.78 28.44
CA ARG A 68 41.00 4.33 27.27
C ARG A 68 40.30 3.90 26.00
N LEU A 69 39.65 2.75 26.08
CA LEU A 69 39.05 2.14 24.92
C LEU A 69 37.70 2.82 24.65
N THR A 70 37.60 3.44 23.48
CA THR A 70 36.50 4.33 23.15
C THR A 70 36.03 4.10 21.70
N ALA A 71 34.84 4.62 21.37
CA ALA A 71 34.36 4.59 20.00
C ALA A 71 35.37 5.29 19.09
N LYS A 72 35.90 6.43 19.50
CA LYS A 72 36.85 7.17 18.68
C LYS A 72 38.26 6.56 18.66
N HIS A 73 38.63 5.85 19.72
CA HIS A 73 39.95 5.24 19.83
C HIS A 73 39.78 3.85 20.46
N PRO A 74 39.33 2.91 19.65
CA PRO A 74 38.96 1.59 20.15
C PRO A 74 40.04 0.63 20.61
N TYR A 75 41.28 0.81 20.16
CA TYR A 75 42.33 -0.16 20.45
C TYR A 75 43.47 0.43 21.26
N ASP A 76 43.97 -0.30 22.23
CA ASP A 76 45.18 0.11 22.95
C ASP A 76 45.84 -1.06 23.67
N LYS A 77 47.11 -0.87 24.02
CA LYS A 77 47.93 -1.86 24.65
C LYS A 77 48.59 -1.22 25.86
N VAL A 78 48.67 -1.90 26.99
CA VAL A 78 49.43 -1.40 28.15
C VAL A 78 50.25 -2.47 28.81
N GLN A 79 51.40 -2.01 29.31
CA GLN A 79 52.28 -2.76 30.17
C GLN A 79 51.86 -2.46 31.60
N ASP A 80 51.56 -3.50 32.36
CA ASP A 80 51.16 -3.33 33.73
C ASP A 80 51.62 -4.54 34.55
N ARG A 81 52.35 -4.29 35.63
CA ARG A 81 52.73 -5.35 36.57
C ARG A 81 53.34 -6.56 35.88
N ASN A 82 54.34 -6.28 35.06
CA ASN A 82 55.03 -7.25 34.21
C ASN A 82 54.08 -8.08 33.29
N ARG A 83 53.13 -7.37 32.70
CA ARG A 83 52.17 -8.03 31.84
C ARG A 83 51.79 -7.07 30.73
N LYS A 84 51.49 -7.61 29.55
CA LYS A 84 50.93 -6.81 28.49
C LYS A 84 49.44 -7.08 28.49
N LEU A 85 48.66 -6.01 28.48
CA LEU A 85 47.20 -6.09 28.30
C LEU A 85 46.83 -5.45 26.94
N TYR A 86 45.96 -6.12 26.21
CA TYR A 86 45.56 -5.65 24.90
C TYR A 86 44.04 -5.49 24.93
N GLY A 87 43.54 -4.41 24.33
CA GLY A 87 42.12 -4.13 24.45
C GLY A 87 41.45 -3.55 23.23
N ARG A 88 40.17 -3.88 23.05
CA ARG A 88 39.40 -3.40 21.90
C ARG A 88 37.92 -3.15 22.23
N HIS A 89 37.45 -1.95 22.01
CA HIS A 89 36.01 -1.57 22.15
C HIS A 89 35.32 -1.93 20.83
N ILE A 90 34.20 -2.63 20.92
CA ILE A 90 33.35 -2.94 19.74
C ILE A 90 31.93 -2.77 20.15
N THR A 91 31.04 -2.65 19.20
CA THR A 91 29.61 -2.66 19.45
C THR A 91 29.01 -3.88 18.82
N LEU A 92 28.26 -4.65 19.59
CA LEU A 92 27.68 -5.90 19.12
C LEU A 92 26.51 -5.57 18.22
N ASN A 93 25.85 -6.59 17.66
CA ASN A 93 24.74 -6.34 16.73
C ASN A 93 23.44 -5.95 17.42
N ASP A 94 23.44 -6.14 18.73
CA ASP A 94 22.58 -5.51 19.76
C ASP A 94 22.46 -3.99 19.86
N GLY A 95 23.55 -3.33 19.53
CA GLY A 95 23.73 -1.97 19.98
C GLY A 95 24.46 -1.83 21.31
N ASN A 96 24.70 -2.90 22.02
CA ASN A 96 25.47 -2.84 23.28
C ASN A 96 26.97 -2.80 22.97
N SER A 97 27.72 -1.97 23.71
CA SER A 97 29.16 -1.88 23.55
C SER A 97 29.89 -2.61 24.65
N VAL A 98 31.00 -3.23 24.26
CA VAL A 98 31.77 -4.05 25.18
C VAL A 98 33.21 -3.82 24.89
N LYS A 99 34.03 -4.13 25.87
CA LYS A 99 35.46 -4.01 25.72
C LYS A 99 36.09 -5.37 25.95
N VAL A 100 36.61 -5.96 24.87
CA VAL A 100 37.30 -7.23 25.01
C VAL A 100 38.71 -6.93 25.41
N VAL A 101 39.18 -7.52 26.50
CA VAL A 101 40.53 -7.28 27.01
C VAL A 101 41.21 -8.61 27.25
N THR A 102 42.43 -8.80 26.74
CA THR A 102 43.22 -9.99 27.00
C THR A 102 44.48 -9.62 27.76
N ILE A 103 45.01 -10.59 28.53
CA ILE A 103 46.19 -10.42 29.40
C ILE A 103 47.21 -11.56 29.16
N SER A 104 48.50 -11.24 29.19
CA SER A 104 49.57 -12.21 28.87
C SER A 104 50.01 -13.13 30.03
N ALA A 105 50.86 -14.12 29.69
CA ALA A 105 51.61 -14.98 30.64
C ALA A 105 51.40 -14.68 32.12
N ASP B 5 17.47 -13.22 6.26
CA ASP B 5 17.34 -14.40 5.31
C ASP B 5 17.99 -15.73 5.82
N ASP B 6 18.63 -16.49 4.89
CA ASP B 6 19.92 -17.21 5.13
C ASP B 6 20.83 -17.11 3.88
N SER B 7 20.75 -15.98 3.19
CA SER B 7 21.11 -15.90 1.81
C SER B 7 22.61 -15.69 1.62
N PRO B 8 23.07 -15.87 0.39
CA PRO B 8 24.46 -15.58 0.19
C PRO B 8 24.91 -14.16 0.51
N ALA B 9 24.07 -13.16 0.24
CA ALA B 9 24.47 -11.79 0.55
C ALA B 9 24.61 -11.55 2.08
N LYS B 10 23.76 -12.20 2.87
CA LYS B 10 23.81 -12.10 4.32
C LYS B 10 25.07 -12.74 4.86
N ARG B 11 25.40 -13.90 4.32
CA ARG B 11 26.57 -14.65 4.69
C ARG B 11 27.81 -13.87 4.34
N LEU B 12 27.80 -13.26 3.16
CA LEU B 12 28.92 -12.45 2.74
C LEU B 12 29.10 -11.29 3.71
N LEU B 13 28.01 -10.64 4.08
CA LEU B 13 28.09 -9.60 5.10
C LEU B 13 28.77 -10.13 6.33
N PHE B 14 28.22 -11.24 6.86
CA PHE B 14 28.79 -11.91 8.04
C PHE B 14 30.31 -12.05 7.99
N GLN B 15 30.79 -12.56 6.87
CA GLN B 15 32.19 -12.91 6.72
C GLN B 15 33.02 -11.65 6.54
N MET B 16 32.47 -10.75 5.81
CA MET B 16 33.17 -9.51 5.55
C MET B 16 33.37 -8.72 6.83
N VAL B 17 32.36 -8.70 7.69
CA VAL B 17 32.40 -7.97 8.95
C VAL B 17 33.43 -8.65 9.88
N GLY B 18 33.37 -9.97 9.91
CA GLY B 18 34.28 -10.75 10.74
C GLY B 18 35.75 -10.52 10.41
N ASN B 19 36.05 -10.33 9.13
CA ASN B 19 37.41 -9.98 8.67
C ASN B 19 37.73 -8.53 8.97
N ALA B 20 36.82 -7.62 8.61
CA ALA B 20 37.10 -6.17 8.64
C ALA B 20 37.30 -5.60 10.05
N ILE B 21 36.64 -6.18 11.05
CA ILE B 21 36.69 -5.61 12.39
C ILE B 21 38.12 -5.55 12.90
N ASN B 22 38.98 -6.43 12.40
CA ASN B 22 40.38 -6.48 12.82
C ASN B 22 41.32 -5.72 11.90
N ARG B 23 40.83 -4.76 11.14
CA ARG B 23 41.65 -4.15 10.09
C ARG B 23 41.55 -2.66 10.16
N ASN B 24 42.56 -1.95 9.67
CA ASN B 24 42.48 -0.49 9.59
C ASN B 24 41.98 -0.08 8.19
N THR B 25 41.78 1.23 7.99
CA THR B 25 41.21 1.71 6.75
C THR B 25 42.03 1.26 5.57
N GLN B 26 43.35 1.39 5.63
CA GLN B 26 44.18 1.09 4.48
C GLN B 26 44.17 -0.38 4.18
N GLN B 27 44.31 -1.19 5.22
CA GLN B 27 44.26 -2.63 5.01
C GLN B 27 42.90 -3.07 4.50
N LEU B 28 41.80 -2.51 5.01
CA LEU B 28 40.48 -2.93 4.54
C LEU B 28 40.31 -2.54 3.09
N THR B 29 40.87 -1.40 2.72
CA THR B 29 40.79 -0.92 1.34
C THR B 29 41.49 -1.89 0.41
N GLN B 30 42.70 -2.30 0.77
CA GLN B 30 43.43 -3.21 -0.09
C GLN B 30 42.84 -4.61 -0.06
N ASP B 31 42.26 -5.06 1.05
CA ASP B 31 41.59 -6.37 0.97
C ASP B 31 40.40 -6.30 0.03
N LEU B 32 39.69 -5.19 0.07
CA LEU B 32 38.51 -5.04 -0.76
C LEU B 32 38.94 -5.01 -2.22
N ARG B 33 40.04 -4.32 -2.51
CA ARG B 33 40.55 -4.27 -3.88
C ARG B 33 41.00 -5.66 -4.40
N ALA B 34 41.50 -6.48 -3.49
CA ALA B 34 42.02 -7.83 -3.83
C ALA B 34 40.92 -8.81 -4.16
N MET B 35 39.67 -8.51 -3.86
CA MET B 35 38.57 -9.43 -4.16
C MET B 35 38.34 -9.49 -5.65
N PRO B 36 37.82 -10.60 -6.13
CA PRO B 36 37.51 -10.74 -7.56
C PRO B 36 36.36 -9.86 -8.00
N ASN B 37 36.43 -9.34 -9.22
CA ASN B 37 35.46 -8.37 -9.73
C ASN B 37 34.03 -8.78 -9.69
N TRP B 38 33.78 -10.06 -9.92
CA TRP B 38 32.42 -10.56 -9.90
C TRP B 38 31.84 -10.34 -8.52
N SER B 39 32.68 -10.52 -7.51
CA SER B 39 32.18 -10.47 -6.14
C SER B 39 32.04 -9.04 -5.64
N LEU B 40 32.86 -8.13 -6.19
CA LEU B 40 32.77 -6.75 -5.80
C LEU B 40 31.43 -6.11 -6.16
N ARG B 41 30.75 -6.57 -7.21
CA ARG B 41 29.38 -6.07 -7.54
C ARG B 41 28.38 -6.21 -6.40
N PHE B 42 28.73 -7.02 -5.39
CA PHE B 42 27.83 -7.36 -4.31
C PHE B 42 28.22 -6.78 -2.96
N VAL B 43 29.38 -6.12 -2.86
CA VAL B 43 29.80 -5.52 -1.59
C VAL B 43 30.27 -4.09 -1.76
N TYR B 44 29.84 -3.22 -0.85
CA TYR B 44 30.39 -1.89 -0.73
C TYR B 44 30.75 -1.59 0.72
N ILE B 45 31.83 -0.83 0.95
CA ILE B 45 32.19 -0.42 2.32
C ILE B 45 32.22 1.09 2.28
N VAL B 46 31.25 1.71 2.95
CA VAL B 46 30.98 3.15 2.80
C VAL B 46 31.50 3.92 4.00
N ASP B 47 32.34 4.91 3.77
CA ASP B 47 32.93 5.65 4.89
C ASP B 47 32.03 6.76 5.42
N ARG B 48 32.50 7.52 6.41
CA ARG B 48 31.73 8.65 6.96
C ARG B 48 31.37 9.75 5.95
N ASN B 49 32.05 9.80 4.80
CA ASN B 49 31.72 10.77 3.75
C ASN B 49 30.78 10.20 2.71
N ASN B 50 30.18 9.05 3.03
CA ASN B 50 29.35 8.34 2.11
C ASN B 50 30.06 7.95 0.84
N GLN B 51 31.36 7.69 0.95
CA GLN B 51 32.15 7.20 -0.16
C GLN B 51 32.56 5.77 0.02
N ASP B 52 32.43 5.00 -1.05
CA ASP B 52 32.95 3.64 -1.07
C ASP B 52 34.45 3.72 -0.96
N LEU B 53 35.07 2.77 -0.26
CA LEU B 53 36.53 2.75 -0.04
C LEU B 53 37.31 2.62 -1.31
N LEU B 54 36.72 2.11 -2.39
CA LEU B 54 37.38 2.09 -3.70
C LEU B 54 36.88 3.22 -4.62
N LYS B 55 36.21 4.21 -4.03
CA LYS B 55 35.66 5.33 -4.82
C LYS B 55 34.65 4.92 -5.90
N ARG B 56 33.94 3.81 -5.74
CA ARG B 56 33.01 3.39 -6.74
C ARG B 56 31.66 4.08 -6.53
N PRO B 57 30.96 4.33 -7.61
CA PRO B 57 29.68 4.99 -7.43
C PRO B 57 28.75 4.03 -6.72
N LEU B 58 27.96 4.57 -5.81
CA LEU B 58 27.09 3.77 -5.01
C LEU B 58 25.79 3.46 -5.72
N PRO B 59 25.48 2.17 -5.95
CA PRO B 59 24.21 1.84 -6.58
C PRO B 59 23.03 2.32 -5.76
N PRO B 60 21.92 2.56 -6.42
CA PRO B 60 20.81 3.13 -5.67
C PRO B 60 20.33 2.04 -4.74
N GLY B 61 19.97 2.42 -3.54
CA GLY B 61 19.61 1.37 -2.62
C GLY B 61 20.61 1.35 -1.52
N ILE B 62 21.91 1.38 -1.84
CA ILE B 62 22.90 1.52 -0.78
C ILE B 62 22.54 2.70 0.13
N MET B 63 22.12 3.81 -0.48
CA MET B 63 21.80 5.03 0.24
C MET B 63 20.43 5.04 0.89
N VAL B 64 19.62 4.02 0.62
CA VAL B 64 18.39 3.86 1.41
C VAL B 64 18.80 3.25 2.74
N LEU B 65 19.74 2.32 2.67
CA LEU B 65 20.16 1.56 3.87
C LEU B 65 21.18 2.26 4.78
N ALA B 66 22.19 2.86 4.17
CA ALA B 66 23.34 3.40 4.90
C ALA B 66 22.95 4.38 6.05
N PRO B 67 22.06 5.35 5.77
CA PRO B 67 21.66 6.28 6.82
C PRO B 67 21.06 5.64 8.04
N ARG B 68 20.57 4.42 7.92
CA ARG B 68 19.96 3.74 9.09
C ARG B 68 20.99 3.12 9.99
N LEU B 69 22.12 2.78 9.38
CA LEU B 69 23.15 2.07 10.10
C LEU B 69 23.90 3.02 11.04
N THR B 70 23.84 2.73 12.30
CA THR B 70 24.24 3.69 13.31
C THR B 70 24.96 2.97 14.45
N ALA B 71 25.70 3.71 15.25
CA ALA B 71 26.31 3.12 16.47
C ALA B 71 25.24 2.43 17.31
N LYS B 72 24.13 3.11 17.52
CA LYS B 72 23.04 2.57 18.37
C LYS B 72 22.24 1.46 17.69
N HIS B 73 22.14 1.50 16.36
CA HIS B 73 21.35 0.52 15.58
C HIS B 73 22.22 0.13 14.37
N PRO B 74 23.25 -0.67 14.63
CA PRO B 74 24.23 -1.01 13.63
C PRO B 74 23.84 -1.95 12.50
N TYR B 75 22.75 -2.70 12.61
CA TYR B 75 22.39 -3.67 11.56
C TYR B 75 21.02 -3.37 10.97
N ASP B 76 20.86 -3.60 9.67
CA ASP B 76 19.54 -3.57 9.05
C ASP B 76 19.57 -4.24 7.69
N LYS B 77 18.36 -4.55 7.20
CA LYS B 77 18.15 -5.24 5.96
C LYS B 77 17.02 -4.52 5.24
N VAL B 78 17.16 -4.34 3.94
CA VAL B 78 16.10 -3.72 3.18
C VAL B 78 15.88 -4.38 1.83
N GLN B 79 14.63 -4.43 1.40
CA GLN B 79 14.24 -4.86 0.07
C GLN B 79 14.11 -3.64 -0.79
N ASP B 80 14.85 -3.62 -1.88
CA ASP B 80 14.84 -2.47 -2.76
C ASP B 80 15.05 -2.91 -4.20
N ARG B 81 14.10 -2.56 -5.08
CA ARG B 81 14.19 -2.84 -6.54
C ARG B 81 14.48 -4.32 -6.84
N ASN B 82 13.73 -5.21 -6.18
CA ASN B 82 13.96 -6.67 -6.28
C ASN B 82 15.36 -7.12 -5.90
N ARG B 83 16.02 -6.39 -5.02
CA ARG B 83 17.23 -6.87 -4.38
C ARG B 83 17.09 -6.83 -2.88
N LYS B 84 17.93 -7.59 -2.21
CA LYS B 84 17.98 -7.56 -0.76
C LYS B 84 19.29 -6.99 -0.37
N LEU B 85 19.23 -5.98 0.48
CA LEU B 85 20.44 -5.33 0.94
C LEU B 85 20.60 -5.57 2.43
N TYR B 86 21.81 -5.93 2.83
CA TYR B 86 22.09 -6.18 4.25
C TYR B 86 23.23 -5.25 4.65
N GLY B 87 23.18 -4.69 5.85
CA GLY B 87 24.19 -3.68 6.19
C GLY B 87 24.59 -3.72 7.62
N ARG B 88 25.83 -3.32 7.89
CA ARG B 88 26.36 -3.30 9.25
C ARG B 88 27.41 -2.17 9.46
N HIS B 89 27.16 -1.34 10.47
CA HIS B 89 28.08 -0.26 10.88
C HIS B 89 29.05 -0.84 11.90
N ILE B 90 30.36 -0.64 11.66
CA ILE B 90 31.40 -1.05 12.59
C ILE B 90 32.42 0.05 12.64
N THR B 91 33.24 0.05 13.70
CA THR B 91 34.36 0.94 13.77
C THR B 91 35.63 0.11 13.70
N LEU B 92 36.52 0.50 12.81
CA LEU B 92 37.77 -0.21 12.62
C LEU B 92 38.76 0.14 13.74
N ASN B 93 39.90 -0.54 13.81
CA ASN B 93 40.84 -0.32 14.95
C ASN B 93 41.55 1.04 14.86
N ASP B 94 41.42 1.63 13.69
CA ASP B 94 41.59 3.06 13.36
C ASP B 94 40.84 4.10 14.11
N GLY B 95 39.65 3.77 14.62
CA GLY B 95 38.69 4.79 15.00
C GLY B 95 37.78 5.26 13.85
N ASN B 96 38.05 4.77 12.66
CA ASN B 96 37.26 5.05 11.47
C ASN B 96 36.01 4.22 11.36
N SER B 97 34.84 4.84 11.24
CA SER B 97 33.58 4.11 11.07
C SER B 97 33.26 3.86 9.62
N VAL B 98 32.79 2.67 9.32
CA VAL B 98 32.44 2.32 7.96
C VAL B 98 31.18 1.50 8.02
N LYS B 99 30.48 1.43 6.91
CA LYS B 99 29.28 0.67 6.80
C LYS B 99 29.50 -0.34 5.69
N VAL B 100 29.55 -1.61 6.08
CA VAL B 100 29.68 -2.69 5.13
C VAL B 100 28.28 -3.02 4.64
N VAL B 101 28.05 -3.03 3.32
CA VAL B 101 26.74 -3.31 2.79
C VAL B 101 26.86 -4.27 1.64
N THR B 102 26.04 -5.34 1.66
CA THR B 102 26.03 -6.34 0.62
C THR B 102 24.70 -6.33 -0.08
N ILE B 103 24.67 -6.77 -1.35
CA ILE B 103 23.49 -6.69 -2.22
C ILE B 103 23.31 -7.99 -2.95
N SER B 104 22.09 -8.52 -3.04
CA SER B 104 21.81 -9.85 -3.67
C SER B 104 21.80 -9.68 -5.22
N ALA B 105 21.54 -10.66 -6.07
CA ALA B 105 21.62 -10.31 -7.55
C ALA B 105 20.41 -9.50 -8.08
N GLU B 109 20.10 -15.72 -11.67
CA GLU B 109 21.43 -16.28 -11.35
C GLU B 109 21.29 -17.66 -10.68
N GLY B 110 21.82 -18.67 -11.36
CA GLY B 110 21.49 -20.06 -11.11
C GLY B 110 22.54 -20.82 -10.32
N PRO B 111 22.72 -22.12 -10.63
CA PRO B 111 23.43 -23.02 -9.73
C PRO B 111 24.98 -22.96 -9.81
N ASP B 112 25.57 -22.85 -10.99
CA ASP B 112 26.98 -22.49 -11.09
C ASP B 112 27.34 -21.39 -10.06
N ARG B 113 26.49 -20.39 -9.98
CA ARG B 113 26.77 -19.25 -9.12
C ARG B 113 26.75 -19.58 -7.64
N ASP B 114 25.72 -20.29 -7.23
CA ASP B 114 25.60 -20.77 -5.87
C ASP B 114 26.87 -21.53 -5.42
N ILE B 115 27.35 -22.44 -6.27
CA ILE B 115 28.57 -23.17 -6.02
C ILE B 115 29.70 -22.18 -5.91
N ILE B 116 29.77 -21.21 -6.84
CA ILE B 116 30.90 -20.24 -6.78
C ILE B 116 30.85 -19.47 -5.47
N TRP B 117 29.63 -19.20 -4.98
CA TRP B 117 29.42 -18.38 -3.78
C TRP B 117 29.92 -19.16 -2.58
N GLU B 118 29.49 -20.43 -2.49
CA GLU B 118 29.93 -21.26 -1.36
C GLU B 118 31.45 -21.36 -1.30
N MET B 119 32.12 -21.59 -2.42
CA MET B 119 33.61 -21.66 -2.40
C MET B 119 34.24 -20.37 -1.90
N PHE B 120 33.64 -19.26 -2.29
CA PHE B 120 34.21 -17.98 -2.00
C PHE B 120 34.02 -17.67 -0.53
N LEU B 121 32.78 -17.77 -0.05
CA LEU B 121 32.47 -17.54 1.36
C LEU B 121 33.33 -18.43 2.27
N GLU B 122 33.73 -19.60 1.75
CA GLU B 122 34.55 -20.52 2.51
C GLU B 122 36.03 -20.08 2.51
N ASN B 123 36.56 -19.76 1.32
CA ASN B 123 37.85 -19.09 1.23
C ASN B 123 37.99 -17.87 2.16
N LEU B 124 36.89 -17.21 2.51
CA LEU B 124 37.00 -15.99 3.31
C LEU B 124 37.32 -16.24 4.80
N GLU B 125 37.51 -17.50 5.23
CA GLU B 125 38.32 -17.79 6.47
C GLU B 125 39.65 -18.53 6.13
N HIS B 126 39.48 -19.78 5.70
CA HIS B 126 40.53 -20.79 5.88
C HIS B 126 41.91 -20.35 5.34
N ASP C 6 9.99 -15.56 12.02
CA ASP C 6 9.26 -16.56 12.85
C ASP C 6 9.17 -16.24 14.39
N SER C 7 9.63 -15.06 14.84
CA SER C 7 9.26 -14.53 16.17
C SER C 7 7.76 -14.40 16.31
N PRO C 8 7.21 -14.57 17.54
CA PRO C 8 5.83 -14.19 17.86
C PRO C 8 5.47 -12.77 17.42
N ALA C 9 6.31 -11.80 17.73
CA ALA C 9 6.08 -10.39 17.37
C ALA C 9 5.92 -10.18 15.85
N LYS C 10 6.71 -10.90 15.09
CA LYS C 10 6.68 -10.79 13.66
C LYS C 10 5.45 -11.44 13.06
N ARG C 11 5.17 -12.66 13.49
CA ARG C 11 3.93 -13.29 13.15
C ARG C 11 2.72 -12.40 13.57
N LEU C 12 2.72 -11.77 14.73
CA LEU C 12 1.62 -10.90 15.12
C LEU C 12 1.44 -9.84 14.07
N LEU C 13 2.55 -9.19 13.67
CA LEU C 13 2.52 -8.16 12.63
C LEU C 13 1.87 -8.64 11.37
N PHE C 14 2.28 -9.80 10.88
CA PHE C 14 1.73 -10.32 9.63
C PHE C 14 0.27 -10.58 9.75
N GLN C 15 -0.15 -11.14 10.88
CA GLN C 15 -1.56 -11.35 11.09
C GLN C 15 -2.37 -10.06 11.12
N MET C 16 -1.89 -9.14 11.88
CA MET C 16 -2.49 -7.85 12.05
C MET C 16 -2.62 -7.09 10.72
N VAL C 17 -1.56 -7.12 9.92
CA VAL C 17 -1.56 -6.44 8.62
C VAL C 17 -2.54 -7.14 7.70
N GLY C 18 -2.60 -8.46 7.77
CA GLY C 18 -3.53 -9.28 6.99
C GLY C 18 -4.97 -8.89 7.22
N ASN C 19 -5.29 -8.52 8.42
CA ASN C 19 -6.63 -8.11 8.71
C ASN C 19 -6.83 -6.62 8.44
N ALA C 20 -5.87 -5.77 8.82
CA ALA C 20 -6.00 -4.33 8.70
C ALA C 20 -6.18 -3.86 7.25
N ILE C 21 -5.57 -4.56 6.31
CA ILE C 21 -5.54 -4.07 4.91
C ILE C 21 -6.93 -3.92 4.33
N ASN C 22 -7.88 -4.67 4.86
CA ASN C 22 -9.27 -4.61 4.41
C ASN C 22 -10.17 -3.82 5.33
N ARG C 23 -9.61 -2.89 6.07
CA ARG C 23 -10.37 -2.09 7.01
C ARG C 23 -10.12 -0.62 6.82
N ASN C 24 -11.09 0.21 7.23
CA ASN C 24 -10.90 1.66 7.16
C ASN C 24 -10.39 2.16 8.51
N THR C 25 -10.11 3.44 8.61
CA THR C 25 -9.49 3.97 9.82
C THR C 25 -10.38 3.67 11.02
N GLN C 26 -11.68 3.96 10.90
CA GLN C 26 -12.56 3.89 12.05
C GLN C 26 -12.71 2.42 12.51
N GLN C 27 -12.87 1.51 11.56
CA GLN C 27 -12.95 0.06 11.84
C GLN C 27 -11.67 -0.44 12.50
N LEU C 28 -10.54 -0.05 11.93
CA LEU C 28 -9.25 -0.49 12.43
C LEU C 28 -9.03 0.00 13.84
N THR C 29 -9.52 1.17 14.15
CA THR C 29 -9.44 1.72 15.49
C THR C 29 -10.27 0.90 16.50
N GLN C 30 -11.50 0.58 16.15
CA GLN C 30 -12.32 -0.19 17.05
C GLN C 30 -11.82 -1.62 17.15
N ASP C 31 -11.29 -2.21 16.09
CA ASP C 31 -10.89 -3.58 16.30
C ASP C 31 -9.55 -3.65 17.13
N LEU C 32 -8.74 -2.60 17.06
CA LEU C 32 -7.57 -2.45 17.94
C LEU C 32 -7.97 -2.24 19.40
N ARG C 33 -9.02 -1.45 19.62
CA ARG C 33 -9.57 -1.26 20.94
C ARG C 33 -10.18 -2.53 21.56
N ALA C 34 -10.73 -3.41 20.72
CA ALA C 34 -11.35 -4.67 21.16
C ALA C 34 -10.35 -5.71 21.53
N MET C 35 -9.07 -5.48 21.28
CA MET C 35 -8.02 -6.40 21.69
C MET C 35 -7.82 -6.38 23.21
N PRO C 36 -7.51 -7.52 23.80
CA PRO C 36 -7.27 -7.54 25.24
C PRO C 36 -6.05 -6.77 25.63
N ASN C 37 -6.09 -6.19 26.81
CA ASN C 37 -4.99 -5.33 27.25
C ASN C 37 -3.61 -6.02 27.31
N TRP C 38 -3.61 -7.31 27.62
CA TRP C 38 -2.37 -8.12 27.69
C TRP C 38 -1.74 -8.43 26.34
N SER C 39 -2.43 -8.08 25.28
CA SER C 39 -1.87 -8.09 23.91
C SER C 39 -1.65 -6.72 23.28
N LEU C 40 -2.38 -5.71 23.72
CA LEU C 40 -2.21 -4.36 23.21
C LEU C 40 -0.85 -3.80 23.53
N ARG C 41 -0.29 -4.20 24.65
CA ARG C 41 1.04 -3.77 25.06
C ARG C 41 2.13 -4.12 24.03
N PHE C 42 1.78 -4.90 23.02
CA PHE C 42 2.69 -5.34 21.97
C PHE C 42 2.38 -4.87 20.55
N VAL C 43 1.29 -4.12 20.37
CA VAL C 43 0.96 -3.54 19.04
C VAL C 43 0.67 -2.06 19.13
N TYR C 44 1.20 -1.30 18.20
CA TYR C 44 0.79 0.07 17.99
C TYR C 44 0.46 0.28 16.52
N ILE C 45 -0.55 1.12 16.24
CA ILE C 45 -0.87 1.49 14.87
C ILE C 45 -0.78 3.02 14.80
N VAL C 46 0.25 3.49 14.09
CA VAL C 46 0.66 4.88 14.11
C VAL C 46 0.16 5.54 12.84
N ASP C 47 -0.58 6.64 12.99
CA ASP C 47 -1.17 7.33 11.84
C ASP C 47 -0.23 8.39 11.27
N ARG C 48 -0.71 9.17 10.33
CA ARG C 48 0.10 10.09 9.53
C ARG C 48 0.61 11.28 10.39
N ASN C 49 0.05 11.43 11.60
CA ASN C 49 0.45 12.42 12.59
C ASN C 49 1.32 11.86 13.70
N ASN C 50 1.87 10.68 13.45
CA ASN C 50 2.64 9.94 14.44
C ASN C 50 1.90 9.72 15.77
N GLN C 51 0.58 9.53 15.65
CA GLN C 51 -0.25 9.16 16.76
C GLN C 51 -0.73 7.72 16.67
N ASP C 52 -0.70 7.02 17.79
CA ASP C 52 -1.34 5.74 17.90
C ASP C 52 -2.86 5.92 17.72
N LEU C 53 -3.52 4.97 17.10
CA LEU C 53 -4.94 5.11 16.81
C LEU C 53 -5.76 5.19 18.07
N LEU C 54 -5.26 4.68 19.20
CA LEU C 54 -5.97 4.84 20.47
C LEU C 54 -5.33 5.94 21.28
N LYS C 55 -4.55 6.80 20.65
CA LYS C 55 -3.93 7.93 21.37
C LYS C 55 -3.02 7.54 22.55
N ARG C 56 -2.47 6.33 22.52
CA ARG C 56 -1.55 5.92 23.56
C ARG C 56 -0.15 6.52 23.31
N PRO C 57 0.61 6.77 24.39
CA PRO C 57 1.90 7.40 24.14
C PRO C 57 2.74 6.29 23.56
N LEU C 58 3.61 6.60 22.61
CA LEU C 58 4.39 5.54 21.97
C LEU C 58 5.60 5.25 22.81
N PRO C 59 5.81 3.98 23.12
CA PRO C 59 7.05 3.62 23.80
C PRO C 59 8.28 3.97 22.98
N PRO C 60 9.40 4.19 23.66
CA PRO C 60 10.62 4.56 22.94
C PRO C 60 11.03 3.40 22.08
N GLY C 61 11.47 3.65 20.87
CA GLY C 61 11.80 2.61 19.94
C GLY C 61 10.84 2.69 18.80
N ILE C 62 9.55 2.84 19.09
CA ILE C 62 8.56 2.92 18.04
C ILE C 62 9.00 3.98 17.03
N MET C 63 9.44 5.14 17.55
CA MET C 63 9.81 6.26 16.70
C MET C 63 11.20 6.17 16.16
N VAL C 64 11.95 5.12 16.49
CA VAL C 64 13.18 4.87 15.72
C VAL C 64 12.77 4.09 14.46
N LEU C 65 11.78 3.21 14.59
CA LEU C 65 11.35 2.38 13.47
C LEU C 65 10.44 3.10 12.50
N ALA C 66 9.48 3.88 13.01
CA ALA C 66 8.36 4.40 12.21
C ALA C 66 8.82 5.26 11.07
N PRO C 67 9.73 6.18 11.32
CA PRO C 67 10.27 7.03 10.18
C PRO C 67 10.84 6.25 8.99
N ARG C 68 11.23 5.00 9.20
CA ARG C 68 11.81 4.19 8.12
C ARG C 68 10.79 3.62 7.22
N LEU C 69 9.60 3.46 7.79
CA LEU C 69 8.52 2.76 7.13
C LEU C 69 7.85 3.69 6.10
N THR C 70 7.87 3.29 4.85
CA THR C 70 7.58 4.18 3.77
C THR C 70 6.84 3.46 2.64
N ALA C 71 6.18 4.20 1.77
CA ALA C 71 5.53 3.55 0.60
C ALA C 71 6.54 2.78 -0.23
N LYS C 72 7.74 3.33 -0.45
CA LYS C 72 8.77 2.63 -1.21
C LYS C 72 9.51 1.53 -0.42
N HIS C 73 9.58 1.66 0.91
CA HIS C 73 10.26 0.64 1.73
C HIS C 73 9.41 0.45 2.95
N PRO C 74 8.32 -0.30 2.77
CA PRO C 74 7.33 -0.49 3.81
C PRO C 74 7.64 -1.34 4.98
N TYR C 75 8.65 -2.22 4.92
CA TYR C 75 8.86 -3.14 6.02
C TYR C 75 10.24 -2.93 6.63
N ASP C 76 10.32 -3.05 7.96
CA ASP C 76 11.61 -3.06 8.65
C ASP C 76 11.53 -3.67 10.03
N LYS C 77 12.69 -4.09 10.52
CA LYS C 77 12.84 -4.65 11.83
C LYS C 77 14.00 -3.92 12.51
N VAL C 78 13.85 -3.62 13.80
CA VAL C 78 14.97 -3.01 14.56
C VAL C 78 15.08 -3.62 15.95
N GLN C 79 16.32 -3.80 16.39
CA GLN C 79 16.66 -4.15 17.75
C GLN C 79 16.83 -2.86 18.51
N ASP C 80 16.09 -2.75 19.60
CA ASP C 80 16.19 -1.61 20.45
C ASP C 80 15.98 -2.02 21.91
N ARG C 81 16.91 -1.65 22.78
CA ARG C 81 16.73 -1.84 24.26
C ARG C 81 16.33 -3.27 24.58
N ASN C 82 17.09 -4.20 24.01
CA ASN C 82 16.85 -5.63 24.18
C ASN C 82 15.42 -6.12 23.82
N ARG C 83 14.77 -5.42 22.90
CA ARG C 83 13.46 -5.84 22.35
C ARG C 83 13.56 -5.84 20.83
N LYS C 84 12.62 -6.46 20.17
CA LYS C 84 12.65 -6.45 18.74
C LYS C 84 11.42 -5.68 18.35
N LEU C 85 11.56 -4.78 17.38
CA LEU C 85 10.39 -4.15 16.83
C LEU C 85 10.31 -4.49 15.38
N TYR C 86 9.10 -4.83 14.94
CA TYR C 86 8.81 -5.14 13.55
C TYR C 86 7.76 -4.18 13.05
N GLY C 87 7.88 -3.68 11.82
CA GLY C 87 6.99 -2.63 11.34
C GLY C 87 6.63 -2.75 9.88
N ARG C 88 5.40 -2.32 9.58
CA ARG C 88 4.86 -2.34 8.23
C ARG C 88 3.95 -1.16 7.95
N HIS C 89 4.29 -0.40 6.91
CA HIS C 89 3.44 0.68 6.37
C HIS C 89 2.42 0.11 5.34
N ILE C 90 1.17 0.48 5.51
CA ILE C 90 0.13 0.10 4.57
C ILE C 90 -0.79 1.29 4.36
N THR C 91 -1.56 1.26 3.28
CA THR C 91 -2.61 2.24 3.07
C THR C 91 -3.94 1.52 3.14
N LEU C 92 -4.83 2.02 3.98
CA LEU C 92 -6.12 1.39 4.21
C LEU C 92 -7.05 1.69 3.04
N ASN C 93 -8.24 1.13 3.01
CA ASN C 93 -9.13 1.32 1.83
C ASN C 93 -9.70 2.72 1.72
N ASP C 94 -9.61 3.41 2.87
CA ASP C 94 -9.66 4.88 3.10
C ASP C 94 -8.85 5.76 2.23
N GLY C 95 -7.67 5.29 1.88
CA GLY C 95 -6.63 6.21 1.48
C GLY C 95 -5.69 6.72 2.57
N ASN C 96 -5.99 6.48 3.84
CA ASN C 96 -5.12 6.93 4.89
C ASN C 96 -4.09 5.87 5.11
N SER C 97 -2.87 6.32 5.41
CA SER C 97 -1.76 5.44 5.67
C SER C 97 -1.54 5.28 7.17
N VAL C 98 -1.12 4.09 7.56
CA VAL C 98 -0.81 3.77 8.93
C VAL C 98 0.39 2.87 8.99
N LYS C 99 1.04 2.90 10.14
CA LYS C 99 2.19 2.05 10.38
C LYS C 99 1.83 1.10 11.50
N VAL C 100 1.73 -0.18 11.19
CA VAL C 100 1.51 -1.19 12.22
C VAL C 100 2.87 -1.63 12.74
N VAL C 101 3.04 -1.54 14.05
CA VAL C 101 4.30 -1.87 14.68
C VAL C 101 4.09 -2.85 15.83
N THR C 102 4.85 -3.94 15.86
CA THR C 102 4.80 -4.86 17.00
C THR C 102 6.15 -4.92 17.76
N ILE C 103 6.06 -5.26 19.04
CA ILE C 103 7.20 -5.25 19.98
C ILE C 103 7.24 -6.60 20.74
N SER C 104 8.44 -7.14 20.91
CA SER C 104 8.59 -8.45 21.55
C SER C 104 8.51 -8.40 23.10
N SER D 7 -21.09 -10.28 -5.35
CA SER D 7 -20.45 -10.45 -4.02
C SER D 7 -19.29 -11.45 -4.07
N PRO D 8 -19.42 -12.58 -4.79
CA PRO D 8 -18.30 -13.55 -4.92
C PRO D 8 -16.97 -12.96 -5.43
N ALA D 9 -17.04 -12.11 -6.44
CA ALA D 9 -15.83 -11.45 -6.94
C ALA D 9 -15.22 -10.52 -5.88
N LYS D 10 -16.10 -9.83 -5.15
CA LYS D 10 -15.70 -8.88 -4.13
C LYS D 10 -15.04 -9.63 -2.97
N ARG D 11 -15.63 -10.74 -2.63
CA ARG D 11 -15.12 -11.57 -1.57
C ARG D 11 -13.80 -12.20 -1.97
N LEU D 12 -13.63 -12.54 -3.24
CA LEU D 12 -12.35 -13.08 -3.71
C LEU D 12 -11.27 -12.00 -3.60
N LEU D 13 -11.58 -10.75 -4.01
CA LEU D 13 -10.67 -9.61 -3.88
C LEU D 13 -10.17 -9.45 -2.47
N PHE D 14 -11.12 -9.38 -1.53
CA PHE D 14 -10.87 -9.32 -0.10
C PHE D 14 -9.89 -10.40 0.31
N GLN D 15 -10.12 -11.64 -0.12
CA GLN D 15 -9.29 -12.75 0.36
C GLN D 15 -7.88 -12.62 -0.25
N MET D 16 -7.89 -12.30 -1.51
CA MET D 16 -6.70 -12.21 -2.29
C MET D 16 -5.78 -11.08 -1.78
N VAL D 17 -6.37 -9.93 -1.43
CA VAL D 17 -5.62 -8.79 -0.90
C VAL D 17 -5.06 -9.14 0.50
N GLY D 18 -5.91 -9.78 1.32
CA GLY D 18 -5.53 -10.22 2.66
C GLY D 18 -4.33 -11.12 2.62
N ASN D 19 -4.20 -11.85 1.52
CA ASN D 19 -3.15 -12.81 1.35
C ASN D 19 -1.91 -12.24 0.77
N ALA D 20 -2.09 -11.33 -0.18
CA ALA D 20 -1.01 -10.69 -0.91
C ALA D 20 -0.21 -9.67 -0.14
N ILE D 21 -0.86 -8.97 0.77
CA ILE D 21 -0.22 -7.88 1.48
C ILE D 21 1.04 -8.35 2.18
N ASN D 22 1.09 -9.61 2.61
CA ASN D 22 2.26 -10.13 3.33
C ASN D 22 3.25 -10.87 2.43
N ARG D 23 3.21 -10.58 1.15
CA ARG D 23 4.00 -11.37 0.23
C ARG D 23 4.81 -10.51 -0.73
N ASN D 24 5.93 -11.03 -1.19
CA ASN D 24 6.76 -10.25 -2.11
C ASN D 24 6.39 -10.63 -3.55
N THR D 25 6.98 -9.97 -4.52
CA THR D 25 6.55 -10.12 -5.90
C THR D 25 6.67 -11.57 -6.34
N GLN D 26 7.80 -12.20 -6.06
CA GLN D 26 8.05 -13.58 -6.45
C GLN D 26 7.02 -14.49 -5.84
N GLN D 27 6.86 -14.35 -4.52
CA GLN D 27 5.95 -15.20 -3.79
C GLN D 27 4.53 -15.03 -4.31
N LEU D 28 4.13 -13.79 -4.55
CA LEU D 28 2.78 -13.53 -4.99
C LEU D 28 2.58 -14.15 -6.35
N THR D 29 3.62 -14.09 -7.20
CA THR D 29 3.54 -14.68 -8.54
C THR D 29 3.31 -16.21 -8.45
N GLN D 30 4.09 -16.88 -7.61
CA GLN D 30 3.93 -18.31 -7.51
C GLN D 30 2.61 -18.68 -6.84
N ASP D 31 2.13 -17.91 -5.86
CA ASP D 31 0.83 -18.27 -5.31
C ASP D 31 -0.24 -18.15 -6.38
N LEU D 32 -0.12 -17.11 -7.18
CA LEU D 32 -1.10 -16.85 -8.24
C LEU D 32 -1.07 -17.99 -9.25
N ARG D 33 0.12 -18.47 -9.56
CA ARG D 33 0.27 -19.56 -10.49
C ARG D 33 -0.28 -20.88 -9.91
N ALA D 34 -0.19 -21.04 -8.59
CA ALA D 34 -0.66 -22.27 -7.91
C ALA D 34 -2.19 -22.34 -7.80
N MET D 35 -2.91 -21.28 -8.16
CA MET D 35 -4.37 -21.32 -8.15
C MET D 35 -4.90 -22.16 -9.31
N PRO D 36 -6.10 -22.72 -9.15
CA PRO D 36 -6.66 -23.54 -10.22
C PRO D 36 -7.12 -22.68 -11.40
N ASN D 37 -6.98 -23.23 -12.62
CA ASN D 37 -7.26 -22.50 -13.86
C ASN D 37 -8.66 -21.88 -13.93
N TRP D 38 -9.67 -22.62 -13.52
CA TRP D 38 -11.03 -22.08 -13.54
C TRP D 38 -11.07 -20.76 -12.77
N SER D 39 -10.34 -20.69 -11.64
CA SER D 39 -10.40 -19.52 -10.74
C SER D 39 -9.54 -18.36 -11.20
N LEU D 40 -8.48 -18.67 -11.94
CA LEU D 40 -7.61 -17.64 -12.46
C LEU D 40 -8.34 -16.79 -13.48
N ARG D 41 -9.32 -17.36 -14.15
CA ARG D 41 -10.04 -16.60 -15.14
C ARG D 41 -10.68 -15.36 -14.52
N PHE D 42 -10.74 -15.28 -13.19
CA PHE D 42 -11.44 -14.22 -12.44
C PHE D 42 -10.54 -13.28 -11.61
N VAL D 43 -9.23 -13.49 -11.60
CA VAL D 43 -8.31 -12.58 -10.88
C VAL D 43 -7.11 -12.25 -11.69
N TYR D 44 -6.73 -10.98 -11.69
CA TYR D 44 -5.48 -10.54 -12.27
C TYR D 44 -4.75 -9.69 -11.24
N ILE D 45 -3.43 -9.75 -11.23
CA ILE D 45 -2.64 -8.89 -10.36
C ILE D 45 -1.70 -8.13 -11.29
N VAL D 46 -1.91 -6.83 -11.43
CA VAL D 46 -1.28 -6.02 -12.46
C VAL D 46 -0.18 -5.16 -11.87
N ASP D 47 1.04 -5.27 -12.41
CA ASP D 47 2.20 -4.56 -11.86
C ASP D 47 2.32 -3.16 -12.41
N ARG D 48 3.41 -2.48 -12.06
CA ARG D 48 3.56 -1.07 -12.44
C ARG D 48 3.80 -0.86 -13.93
N ASN D 49 4.06 -1.93 -14.68
CA ASN D 49 4.17 -1.85 -16.15
C ASN D 49 2.88 -2.29 -16.86
N ASN D 50 1.78 -2.32 -16.10
CA ASN D 50 0.50 -2.82 -16.59
C ASN D 50 0.57 -4.21 -17.12
N GLN D 51 1.41 -5.03 -16.48
CA GLN D 51 1.51 -6.43 -16.81
C GLN D 51 1.01 -7.32 -15.68
N ASP D 52 0.21 -8.31 -16.05
CA ASP D 52 -0.21 -9.32 -15.13
C ASP D 52 1.01 -10.13 -14.67
N LEU D 53 1.01 -10.55 -13.41
CA LEU D 53 2.16 -11.24 -12.84
C LEU D 53 2.48 -12.58 -13.53
N LEU D 54 1.50 -13.17 -14.22
CA LEU D 54 1.78 -14.36 -15.03
C LEU D 54 1.83 -14.02 -16.51
N LYS D 55 2.00 -12.75 -16.82
CA LYS D 55 2.11 -12.30 -18.23
C LYS D 55 0.89 -12.63 -19.06
N ARG D 56 -0.28 -12.76 -18.46
CA ARG D 56 -1.49 -13.05 -19.24
C ARG D 56 -2.03 -11.78 -19.89
N PRO D 57 -2.59 -11.88 -21.09
CA PRO D 57 -3.16 -10.69 -21.69
C PRO D 57 -4.31 -10.21 -20.86
N LEU D 58 -4.45 -8.91 -20.70
CA LEU D 58 -5.46 -8.35 -19.80
C LEU D 58 -6.79 -8.15 -20.48
N PRO D 59 -7.85 -8.79 -19.95
CA PRO D 59 -9.16 -8.68 -20.61
C PRO D 59 -9.57 -7.24 -20.66
N PRO D 60 -10.40 -6.90 -21.64
CA PRO D 60 -10.79 -5.50 -21.66
C PRO D 60 -11.62 -5.25 -20.42
N GLY D 61 -11.45 -4.09 -19.83
CA GLY D 61 -12.21 -3.80 -18.63
C GLY D 61 -11.26 -3.68 -17.48
N ILE D 62 -10.27 -4.58 -17.41
CA ILE D 62 -9.24 -4.43 -16.40
C ILE D 62 -8.57 -3.04 -16.58
N MET D 63 -8.32 -2.64 -17.82
CA MET D 63 -7.67 -1.37 -18.10
C MET D 63 -8.59 -0.13 -17.94
N VAL D 64 -9.88 -0.37 -17.75
CA VAL D 64 -10.79 0.70 -17.39
C VAL D 64 -10.55 1.00 -15.93
N LEU D 65 -10.40 -0.06 -15.16
CA LEU D 65 -10.31 0.01 -13.71
C LEU D 65 -8.93 0.35 -13.18
N ALA D 66 -7.92 -0.25 -13.79
CA ALA D 66 -6.55 -0.15 -13.30
C ALA D 66 -6.04 1.27 -13.08
N PRO D 67 -6.13 2.13 -14.09
CA PRO D 67 -5.65 3.52 -13.90
C PRO D 67 -6.27 4.28 -12.71
N ARG D 68 -7.46 3.87 -12.26
CA ARG D 68 -8.14 4.57 -11.17
C ARG D 68 -7.55 4.19 -9.84
N LEU D 69 -6.96 3.02 -9.79
CA LEU D 69 -6.49 2.46 -8.52
C LEU D 69 -5.11 3.05 -8.13
N THR D 70 -5.07 3.73 -7.01
CA THR D 70 -4.04 4.68 -6.77
C THR D 70 -3.68 4.72 -5.30
N ALA D 71 -2.50 5.20 -4.95
CA ALA D 71 -2.15 5.23 -3.50
C ALA D 71 -3.17 6.08 -2.74
N LYS D 72 -3.56 7.20 -3.31
CA LYS D 72 -4.54 8.07 -2.66
C LYS D 72 -5.98 7.55 -2.76
N HIS D 73 -6.30 6.77 -3.79
CA HIS D 73 -7.63 6.19 -4.00
C HIS D 73 -7.47 4.73 -4.41
N PRO D 74 -7.18 3.87 -3.44
CA PRO D 74 -6.81 2.49 -3.75
C PRO D 74 -7.92 1.54 -4.11
N TYR D 75 -9.19 1.89 -3.85
CA TYR D 75 -10.28 0.92 -4.15
C TYR D 75 -11.29 1.48 -5.16
N ASP D 76 -11.77 0.64 -6.07
CA ASP D 76 -12.90 1.02 -6.95
C ASP D 76 -13.58 -0.19 -7.55
N LYS D 77 -14.78 0.01 -8.03
CA LYS D 77 -15.62 -1.01 -8.63
C LYS D 77 -16.19 -0.45 -9.95
N VAL D 78 -16.21 -1.26 -10.99
CA VAL D 78 -16.75 -0.80 -12.23
C VAL D 78 -17.64 -1.86 -12.87
N GLN D 79 -18.73 -1.39 -13.47
CA GLN D 79 -19.59 -2.21 -14.34
C GLN D 79 -19.10 -2.08 -15.77
N ASP D 80 -18.76 -3.19 -16.39
CA ASP D 80 -18.26 -3.18 -17.77
C ASP D 80 -18.71 -4.44 -18.50
N ARG D 81 -19.35 -4.26 -19.65
CA ARG D 81 -19.71 -5.38 -20.52
C ARG D 81 -20.44 -6.45 -19.73
N ASN D 82 -21.45 -5.99 -18.98
CA ASN D 82 -22.19 -6.82 -18.07
C ASN D 82 -21.34 -7.74 -17.22
N ARG D 83 -20.31 -7.16 -16.63
CA ARG D 83 -19.57 -7.83 -15.59
C ARG D 83 -19.21 -6.77 -14.55
N LYS D 84 -19.13 -7.16 -13.29
CA LYS D 84 -18.61 -6.24 -12.26
C LYS D 84 -17.15 -6.55 -12.03
N LEU D 85 -16.32 -5.49 -12.06
CA LEU D 85 -14.88 -5.59 -11.76
C LEU D 85 -14.65 -4.89 -10.46
N TYR D 86 -13.85 -5.49 -9.58
CA TYR D 86 -13.48 -4.88 -8.28
C TYR D 86 -11.94 -4.84 -8.22
N GLY D 87 -11.38 -3.74 -7.72
CA GLY D 87 -9.94 -3.49 -7.78
C GLY D 87 -9.37 -2.90 -6.51
N ARG D 88 -8.11 -3.22 -6.23
CA ARG D 88 -7.42 -2.69 -5.04
C ARG D 88 -5.90 -2.56 -5.28
N HIS D 89 -5.38 -1.35 -5.12
CA HIS D 89 -3.96 -1.10 -5.20
C HIS D 89 -3.39 -1.35 -3.81
N ILE D 90 -2.27 -2.07 -3.77
CA ILE D 90 -1.52 -2.28 -2.54
C ILE D 90 -0.07 -2.25 -2.90
N THR D 91 0.78 -2.12 -1.88
CA THR D 91 2.20 -2.22 -2.04
C THR D 91 2.66 -3.44 -1.27
N LEU D 92 3.47 -4.26 -1.91
CA LEU D 92 3.95 -5.49 -1.30
C LEU D 92 5.14 -5.17 -0.37
N ASN D 93 5.63 -6.15 0.41
CA ASN D 93 6.72 -5.87 1.41
C ASN D 93 8.05 -5.55 0.74
N ASP D 94 8.04 -5.90 -0.51
CA ASP D 94 8.91 -5.46 -1.59
C ASP D 94 9.16 -3.99 -1.89
N GLY D 95 8.11 -3.20 -1.68
CA GLY D 95 8.05 -1.88 -2.28
C GLY D 95 7.40 -1.77 -3.66
N ASN D 96 6.99 -2.89 -4.28
CA ASN D 96 6.40 -2.87 -5.63
C ASN D 96 4.91 -2.84 -5.47
N SER D 97 4.32 -1.96 -6.21
CA SER D 97 2.93 -1.77 -6.18
C SER D 97 2.26 -2.63 -7.18
N VAL D 98 1.11 -3.17 -6.82
CA VAL D 98 0.36 -4.01 -7.73
C VAL D 98 -1.08 -3.69 -7.54
N LYS D 99 -1.87 -4.02 -8.54
CA LYS D 99 -3.30 -3.82 -8.51
C LYS D 99 -3.96 -5.15 -8.66
N VAL D 100 -4.61 -5.60 -7.59
CA VAL D 100 -5.36 -6.87 -7.58
C VAL D 100 -6.76 -6.59 -8.13
N VAL D 101 -7.13 -7.26 -9.22
CA VAL D 101 -8.43 -7.01 -9.82
C VAL D 101 -9.19 -8.32 -9.99
N THR D 102 -10.43 -8.38 -9.52
CA THR D 102 -11.29 -9.52 -9.72
C THR D 102 -12.47 -9.19 -10.64
N ILE D 103 -12.98 -10.21 -11.35
CA ILE D 103 -14.07 -10.09 -12.34
C ILE D 103 -15.18 -11.09 -12.05
N SER D 104 -16.41 -10.69 -12.22
CA SER D 104 -17.56 -11.55 -11.93
C SER D 104 -17.87 -12.60 -13.03
N SER E 7 -25.10 6.80 1.57
CA SER E 7 -26.53 6.55 1.09
C SER E 7 -27.49 7.74 1.08
N PRO E 8 -27.49 8.64 2.08
CA PRO E 8 -28.15 9.92 1.78
C PRO E 8 -27.58 10.61 0.52
N ALA E 9 -26.27 10.70 0.39
CA ALA E 9 -25.71 11.31 -0.81
C ALA E 9 -26.05 10.52 -2.07
N LYS E 10 -26.11 9.20 -1.91
CA LYS E 10 -26.40 8.34 -3.06
C LYS E 10 -27.85 8.49 -3.49
N ARG E 11 -28.75 8.61 -2.51
CA ARG E 11 -30.16 8.77 -2.80
C ARG E 11 -30.39 10.15 -3.40
N LEU E 12 -29.61 11.13 -2.97
CA LEU E 12 -29.74 12.44 -3.55
C LEU E 12 -29.35 12.32 -5.01
N LEU E 13 -28.23 11.67 -5.32
CA LEU E 13 -27.82 11.47 -6.72
C LEU E 13 -28.97 10.90 -7.52
N PHE E 14 -29.57 9.82 -7.01
CA PHE E 14 -30.74 9.16 -7.60
C PHE E 14 -31.91 10.15 -7.84
N GLN E 15 -32.41 10.84 -6.84
CA GLN E 15 -33.53 11.75 -7.13
C GLN E 15 -33.06 12.69 -8.24
N MET E 16 -31.88 13.24 -8.04
CA MET E 16 -31.37 14.32 -8.87
C MET E 16 -31.24 13.89 -10.34
N VAL E 17 -30.65 12.72 -10.59
CA VAL E 17 -30.51 12.21 -11.93
C VAL E 17 -31.89 11.91 -12.52
N GLY E 18 -32.77 11.33 -11.73
CA GLY E 18 -34.15 11.08 -12.11
C GLY E 18 -34.90 12.30 -12.61
N ASN E 19 -34.69 13.47 -11.99
CA ASN E 19 -35.34 14.71 -12.49
C ASN E 19 -34.59 15.25 -13.69
N ALA E 20 -33.27 15.25 -13.63
CA ALA E 20 -32.42 15.91 -14.63
C ALA E 20 -32.55 15.30 -16.04
N ILE E 21 -32.76 13.98 -16.12
CA ILE E 21 -32.69 13.32 -17.42
C ILE E 21 -33.79 13.86 -18.34
N ASN E 22 -34.86 14.39 -17.75
CA ASN E 22 -35.94 14.97 -18.54
C ASN E 22 -35.88 16.48 -18.67
N ARG E 23 -34.68 17.06 -18.56
CA ARG E 23 -34.52 18.52 -18.56
C ARG E 23 -33.46 18.97 -19.54
N ASN E 24 -33.52 20.23 -19.98
CA ASN E 24 -32.43 20.75 -20.79
C ASN E 24 -31.49 21.55 -19.91
N THR E 25 -30.44 22.08 -20.51
CA THR E 25 -29.40 22.76 -19.72
C THR E 25 -29.97 23.93 -18.92
N GLN E 26 -30.72 24.81 -19.58
CA GLN E 26 -31.24 25.98 -18.88
C GLN E 26 -32.12 25.59 -17.72
N GLN E 27 -33.07 24.69 -17.99
CA GLN E 27 -33.99 24.19 -16.98
C GLN E 27 -33.24 23.56 -15.82
N LEU E 28 -32.28 22.71 -16.14
CA LEU E 28 -31.53 22.04 -15.08
C LEU E 28 -30.72 23.05 -14.27
N THR E 29 -30.25 24.09 -14.90
CA THR E 29 -29.55 25.16 -14.21
C THR E 29 -30.47 25.88 -13.21
N GLN E 30 -31.69 26.23 -13.65
CA GLN E 30 -32.61 26.95 -12.78
C GLN E 30 -33.07 26.04 -11.69
N ASP E 31 -33.35 24.77 -11.96
CA ASP E 31 -33.80 23.94 -10.79
C ASP E 31 -32.70 23.75 -9.77
N LEU E 32 -31.46 23.70 -10.25
CA LEU E 32 -30.32 23.61 -9.34
C LEU E 32 -30.20 24.88 -8.52
N ARG E 33 -30.42 26.03 -9.14
CA ARG E 33 -30.41 27.30 -8.41
C ARG E 33 -31.52 27.37 -7.35
N ALA E 34 -32.67 26.76 -7.67
CA ALA E 34 -33.87 26.80 -6.83
C ALA E 34 -33.75 25.95 -5.58
N MET E 35 -32.71 25.13 -5.50
CA MET E 35 -32.46 24.32 -4.30
C MET E 35 -31.98 25.17 -3.13
N PRO E 36 -32.28 24.73 -1.90
CA PRO E 36 -31.87 25.51 -0.74
C PRO E 36 -30.37 25.46 -0.55
N ASN E 37 -29.78 26.55 -0.06
CA ASN E 37 -28.32 26.65 0.05
C ASN E 37 -27.64 25.56 0.80
N TRP E 38 -28.19 25.19 1.94
CA TRP E 38 -27.49 24.21 2.75
C TRP E 38 -27.36 22.89 1.94
N SER E 39 -28.35 22.57 1.08
CA SER E 39 -28.33 21.36 0.26
C SER E 39 -27.37 21.48 -0.90
N LEU E 40 -27.23 22.70 -1.43
CA LEU E 40 -26.33 22.93 -2.56
C LEU E 40 -24.89 22.57 -2.26
N ARG E 41 -24.46 22.80 -1.03
CA ARG E 41 -23.12 22.36 -0.54
C ARG E 41 -22.79 20.85 -0.82
N PHE E 42 -23.81 20.06 -1.21
CA PHE E 42 -23.70 18.60 -1.43
C PHE E 42 -23.93 18.12 -2.84
N VAL E 43 -24.27 19.01 -3.77
CA VAL E 43 -24.46 18.62 -5.18
C VAL E 43 -23.75 19.58 -6.07
N TYR E 44 -23.08 19.03 -7.08
CA TYR E 44 -22.58 19.80 -8.20
C TYR E 44 -23.01 19.14 -9.54
N ILE E 45 -23.26 19.94 -10.58
CA ILE E 45 -23.56 19.41 -11.90
C ILE E 45 -22.57 20.03 -12.84
N VAL E 46 -21.66 19.17 -13.32
CA VAL E 46 -20.45 19.63 -14.02
C VAL E 46 -20.66 19.45 -15.52
N ASP E 47 -20.51 20.52 -16.31
CA ASP E 47 -20.74 20.43 -17.76
C ASP E 47 -19.49 19.98 -18.49
N ARG E 48 -19.57 19.91 -19.82
CA ARG E 48 -18.47 19.45 -20.66
C ARG E 48 -17.21 20.36 -20.63
N ASN E 49 -17.26 21.57 -20.04
CA ASN E 49 -16.09 22.44 -19.81
C ASN E 49 -15.60 22.37 -18.35
N ASN E 50 -16.00 21.29 -17.66
CA ASN E 50 -15.72 21.10 -16.25
C ASN E 50 -16.06 22.32 -15.39
N GLN E 51 -17.19 22.95 -15.73
CA GLN E 51 -17.82 24.00 -14.92
C GLN E 51 -19.11 23.59 -14.32
N ASP E 52 -19.28 23.96 -13.07
CA ASP E 52 -20.53 23.74 -12.39
C ASP E 52 -21.56 24.64 -13.06
N LEU E 53 -22.81 24.17 -13.18
CA LEU E 53 -23.86 24.93 -13.89
C LEU E 53 -24.16 26.29 -13.27
N LEU E 54 -23.86 26.45 -11.98
CA LEU E 54 -23.97 27.76 -11.33
C LEU E 54 -22.62 28.44 -11.20
N LYS E 55 -21.62 27.96 -11.93
CA LYS E 55 -20.26 28.53 -11.93
C LYS E 55 -19.60 28.53 -10.55
N ARG E 56 -19.96 27.60 -9.67
CA ARG E 56 -19.31 27.54 -8.36
C ARG E 56 -17.95 26.84 -8.47
N PRO E 57 -16.98 27.29 -7.67
CA PRO E 57 -15.73 26.55 -7.75
C PRO E 57 -15.92 25.13 -7.24
N LEU E 58 -15.27 24.19 -7.89
CA LEU E 58 -15.49 22.79 -7.54
C LEU E 58 -14.60 22.43 -6.35
N PRO E 59 -15.19 21.89 -5.27
CA PRO E 59 -14.36 21.41 -4.19
C PRO E 59 -13.41 20.29 -4.61
N PRO E 60 -12.25 20.21 -3.97
CA PRO E 60 -11.33 19.17 -4.40
C PRO E 60 -11.95 17.84 -4.16
N GLY E 61 -11.75 16.89 -5.06
CA GLY E 61 -12.43 15.62 -4.94
C GLY E 61 -13.35 15.46 -6.11
N ILE E 62 -14.15 16.49 -6.39
CA ILE E 62 -15.06 16.43 -7.55
C ILE E 62 -14.27 16.05 -8.79
N MET E 63 -13.11 16.67 -8.95
CA MET E 63 -12.28 16.44 -10.15
C MET E 63 -11.36 15.21 -10.07
N VAL E 64 -11.45 14.46 -8.97
CA VAL E 64 -10.94 13.11 -8.98
C VAL E 64 -11.99 12.20 -9.60
N LEU E 65 -13.25 12.45 -9.29
CA LEU E 65 -14.37 11.61 -9.73
C LEU E 65 -14.80 11.90 -11.17
N ALA E 66 -14.91 13.18 -11.50
CA ALA E 66 -15.54 13.58 -12.76
C ALA E 66 -14.86 12.98 -14.01
N PRO E 67 -13.54 13.04 -14.12
CA PRO E 67 -12.87 12.40 -15.27
C PRO E 67 -13.18 10.92 -15.50
N ARG E 68 -13.59 10.19 -14.46
CA ARG E 68 -13.95 8.79 -14.59
C ARG E 68 -15.29 8.57 -15.22
N LEU E 69 -16.16 9.55 -15.05
CA LEU E 69 -17.55 9.44 -15.45
C LEU E 69 -17.67 9.65 -16.96
N THR E 70 -18.19 8.66 -17.66
CA THR E 70 -18.04 8.54 -19.08
C THR E 70 -19.30 7.95 -19.72
N ALA E 71 -19.48 8.13 -21.02
CA ALA E 71 -20.59 7.50 -21.72
C ALA E 71 -20.57 5.98 -21.56
N LYS E 72 -19.39 5.39 -21.66
CA LYS E 72 -19.21 3.96 -21.52
C LYS E 72 -19.22 3.48 -20.06
N HIS E 73 -18.84 4.36 -19.12
CA HIS E 73 -18.76 4.03 -17.69
C HIS E 73 -19.33 5.23 -16.91
N PRO E 74 -20.67 5.37 -16.92
CA PRO E 74 -21.26 6.56 -16.38
C PRO E 74 -21.33 6.71 -14.84
N TYR E 75 -21.19 5.65 -14.06
CA TYR E 75 -21.40 5.75 -12.63
C TYR E 75 -20.13 5.37 -11.89
N ASP E 76 -19.84 6.06 -10.79
CA ASP E 76 -18.72 5.69 -9.92
C ASP E 76 -18.86 6.33 -8.56
N LYS E 77 -18.15 5.79 -7.59
CA LYS E 77 -18.14 6.29 -6.24
C LYS E 77 -16.68 6.36 -5.77
N VAL E 78 -16.34 7.41 -5.02
CA VAL E 78 -15.00 7.51 -4.50
C VAL E 78 -14.99 8.06 -3.07
N GLN E 79 -14.06 7.51 -2.29
CA GLN E 79 -13.73 7.97 -0.96
C GLN E 79 -12.64 8.98 -1.11
N ASP E 80 -12.87 10.18 -0.61
CA ASP E 80 -11.86 11.22 -0.66
C ASP E 80 -11.99 12.10 0.57
N ARG E 81 -10.89 12.30 1.28
CA ARG E 81 -10.86 13.28 2.40
C ARG E 81 -12.00 13.05 3.41
N ASN E 82 -12.16 11.80 3.84
CA ASN E 82 -13.28 11.40 4.71
C ASN E 82 -14.68 11.76 4.19
N ARG E 83 -14.86 11.67 2.89
CA ARG E 83 -16.15 11.88 2.30
C ARG E 83 -16.36 10.74 1.30
N LYS E 84 -17.59 10.50 0.93
CA LYS E 84 -17.91 9.62 -0.16
C LYS E 84 -18.44 10.57 -1.20
N LEU E 85 -17.98 10.42 -2.43
CA LEU E 85 -18.54 11.14 -3.56
C LEU E 85 -19.16 10.11 -4.49
N TYR E 86 -20.33 10.46 -5.01
CA TYR E 86 -21.07 9.60 -5.92
C TYR E 86 -21.30 10.41 -7.20
N GLY E 87 -21.16 9.75 -8.36
CA GLY E 87 -21.20 10.49 -9.63
C GLY E 87 -21.93 9.77 -10.75
N ARG E 88 -22.57 10.54 -11.60
CA ARG E 88 -23.29 10.00 -12.73
C ARG E 88 -23.26 10.93 -13.96
N HIS E 89 -22.75 10.42 -15.07
CA HIS E 89 -22.77 11.10 -16.34
C HIS E 89 -24.11 10.80 -17.03
N ILE E 90 -24.76 11.83 -17.54
CA ILE E 90 -26.00 11.68 -18.33
C ILE E 90 -25.96 12.66 -19.46
N THR E 91 -26.79 12.44 -20.46
CA THR E 91 -26.95 13.39 -21.53
C THR E 91 -28.37 13.91 -21.46
N LEU E 92 -28.49 15.24 -21.43
CA LEU E 92 -29.77 15.87 -21.29
C LEU E 92 -30.52 15.79 -22.62
N ASN E 93 -31.78 16.23 -22.68
CA ASN E 93 -32.56 16.08 -23.93
C ASN E 93 -32.09 17.10 -25.00
N ASP E 94 -31.37 18.11 -24.53
CA ASP E 94 -30.40 18.96 -25.27
C ASP E 94 -29.41 18.35 -26.24
N GLY E 95 -28.91 17.17 -25.88
CA GLY E 95 -27.67 16.67 -26.44
C GLY E 95 -26.41 17.02 -25.64
N ASN E 96 -26.54 17.82 -24.58
CA ASN E 96 -25.39 18.17 -23.75
C ASN E 96 -25.24 17.20 -22.64
N SER E 97 -24.00 16.88 -22.35
CA SER E 97 -23.68 15.97 -21.28
C SER E 97 -23.32 16.74 -20.03
N VAL E 98 -23.69 16.17 -18.91
CA VAL E 98 -23.36 16.74 -17.62
C VAL E 98 -23.02 15.62 -16.69
N LYS E 99 -22.34 15.96 -15.61
CA LYS E 99 -21.97 15.01 -14.58
C LYS E 99 -22.54 15.48 -13.24
N VAL E 100 -23.51 14.73 -12.76
CA VAL E 100 -24.11 15.04 -11.47
C VAL E 100 -23.26 14.38 -10.42
N VAL E 101 -22.77 15.16 -9.46
CA VAL E 101 -21.95 14.61 -8.43
C VAL E 101 -22.45 15.05 -7.07
N THR E 102 -22.66 14.09 -6.15
CA THR E 102 -23.05 14.39 -4.79
C THR E 102 -21.94 14.00 -3.79
N ILE E 103 -21.88 14.72 -2.67
CA ILE E 103 -20.87 14.57 -1.63
C ILE E 103 -21.56 14.39 -0.27
N SER E 104 -21.02 13.53 0.57
CA SER E 104 -21.65 13.21 1.81
C SER E 104 -21.39 14.26 2.89
N ALA E 105 -22.34 14.25 3.83
CA ALA E 105 -22.42 15.17 4.94
C ALA E 105 -21.55 14.73 6.12
N GLY E 106 -21.02 15.71 6.85
CA GLY E 106 -20.52 15.48 8.21
C GLY E 106 -21.64 15.81 9.18
N ARG E 107 -21.43 15.40 10.45
CA ARG E 107 -22.48 15.57 11.51
C ARG E 107 -22.71 17.09 11.82
N ASP E 108 -21.59 17.77 12.04
CA ASP E 108 -21.14 19.00 11.36
C ASP E 108 -22.14 19.97 10.58
N GLU E 109 -22.70 19.54 9.44
CA GLU E 109 -23.03 20.45 8.33
C GLU E 109 -24.50 20.49 7.91
N GLY E 110 -25.40 20.14 8.81
CA GLY E 110 -26.85 20.15 8.47
C GLY E 110 -27.45 21.56 8.37
N PRO E 111 -28.79 21.66 8.27
CA PRO E 111 -29.47 22.95 8.28
C PRO E 111 -29.73 23.47 9.68
N ASP E 112 -30.04 24.77 9.77
CA ASP E 112 -30.71 25.45 10.92
C ASP E 112 -31.79 24.64 11.70
N ARG E 113 -31.96 24.94 12.99
CA ARG E 113 -33.22 24.63 13.67
C ARG E 113 -34.42 25.14 12.83
N ASP E 114 -34.27 26.38 12.34
CA ASP E 114 -35.28 27.10 11.54
C ASP E 114 -35.67 26.42 10.25
N ILE E 115 -34.66 26.12 9.44
CA ILE E 115 -34.82 25.52 8.12
C ILE E 115 -35.44 24.13 8.26
N ILE E 116 -35.08 23.41 9.32
CA ILE E 116 -35.62 22.08 9.58
C ILE E 116 -37.12 22.18 9.75
N TRP E 117 -37.54 23.13 10.60
CA TRP E 117 -38.97 23.40 10.76
C TRP E 117 -39.60 23.95 9.50
N GLU E 118 -38.93 24.90 8.86
CA GLU E 118 -39.38 25.37 7.56
C GLU E 118 -39.76 24.17 6.70
N MET E 119 -38.92 23.13 6.64
CA MET E 119 -39.16 22.06 5.65
C MET E 119 -40.06 20.97 6.16
N PHE E 120 -40.16 20.81 7.47
CA PHE E 120 -41.15 19.92 8.05
C PHE E 120 -42.56 20.46 7.83
N LEU E 121 -42.70 21.78 8.05
CA LEU E 121 -43.97 22.50 7.82
C LEU E 121 -44.42 22.35 6.37
N GLU E 122 -43.57 22.78 5.46
CA GLU E 122 -43.91 22.77 4.05
C GLU E 122 -44.22 21.34 3.53
N ASN E 123 -43.53 20.37 4.10
CA ASN E 123 -43.73 18.95 3.83
C ASN E 123 -45.16 18.60 4.18
N LEU E 124 -45.52 18.97 5.39
CA LEU E 124 -46.77 18.55 5.98
C LEU E 124 -48.00 19.12 5.30
N GLU E 125 -47.86 20.20 4.53
CA GLU E 125 -48.97 20.69 3.69
C GLU E 125 -49.45 19.58 2.73
N HIS E 126 -48.51 18.93 2.05
CA HIS E 126 -48.83 17.93 1.02
C HIS E 126 -48.68 16.50 1.52
N SER F 7 -49.97 14.96 -24.12
CA SER F 7 -50.10 13.68 -24.92
C SER F 7 -49.75 12.42 -24.06
N PRO F 8 -50.56 11.32 -24.14
CA PRO F 8 -50.31 10.14 -23.28
C PRO F 8 -49.04 9.35 -23.60
N ALA F 9 -48.77 9.09 -24.87
CA ALA F 9 -47.55 8.38 -25.24
C ALA F 9 -46.29 9.15 -24.79
N LYS F 10 -46.33 10.47 -24.91
CA LYS F 10 -45.18 11.30 -24.58
C LYS F 10 -44.91 11.34 -23.08
N ARG F 11 -45.97 11.51 -22.29
CA ARG F 11 -45.84 11.40 -20.82
C ARG F 11 -45.48 10.00 -20.38
N LEU F 12 -45.85 8.96 -21.12
CA LEU F 12 -45.37 7.62 -20.81
C LEU F 12 -43.84 7.59 -21.00
N LEU F 13 -43.38 8.09 -22.14
CA LEU F 13 -41.93 8.18 -22.41
C LEU F 13 -41.24 8.84 -21.23
N PHE F 14 -41.76 10.01 -20.84
CA PHE F 14 -41.20 10.83 -19.73
C PHE F 14 -41.04 10.01 -18.45
N GLN F 15 -42.12 9.41 -18.00
CA GLN F 15 -42.06 8.66 -16.77
C GLN F 15 -41.12 7.46 -16.93
N MET F 16 -41.19 6.83 -18.08
CA MET F 16 -40.40 5.65 -18.33
C MET F 16 -38.88 5.94 -18.28
N VAL F 17 -38.50 7.04 -18.92
CA VAL F 17 -37.11 7.46 -18.97
C VAL F 17 -36.66 7.83 -17.57
N GLY F 18 -37.50 8.59 -16.89
CA GLY F 18 -37.25 8.98 -15.50
C GLY F 18 -36.98 7.82 -14.57
N ASN F 19 -37.57 6.66 -14.80
CA ASN F 19 -37.33 5.49 -13.96
C ASN F 19 -36.11 4.75 -14.47
N ALA F 20 -36.02 4.58 -15.79
CA ALA F 20 -34.98 3.72 -16.36
C ALA F 20 -33.57 4.28 -16.15
N ILE F 21 -33.40 5.59 -16.13
CA ILE F 21 -32.07 6.20 -16.05
C ILE F 21 -31.32 5.71 -14.84
N ASN F 22 -32.03 5.34 -13.78
CA ASN F 22 -31.40 4.86 -12.55
C ASN F 22 -31.37 3.35 -12.41
N ARG F 23 -31.40 2.63 -13.52
CA ARG F 23 -31.49 1.19 -13.50
C ARG F 23 -30.51 0.56 -14.42
N ASN F 24 -30.18 -0.70 -14.16
CA ASN F 24 -29.24 -1.42 -15.00
C ASN F 24 -30.06 -2.27 -15.97
N THR F 25 -29.39 -2.96 -16.90
CA THR F 25 -30.08 -3.68 -17.95
C THR F 25 -31.02 -4.71 -17.36
N GLN F 26 -30.50 -5.53 -16.46
CA GLN F 26 -31.27 -6.62 -15.86
C GLN F 26 -32.52 -6.06 -15.12
N GLN F 27 -32.31 -5.03 -14.30
CA GLN F 27 -33.41 -4.37 -13.57
C GLN F 27 -34.44 -3.74 -14.51
N LEU F 28 -33.97 -3.09 -15.57
CA LEU F 28 -34.89 -2.43 -16.50
C LEU F 28 -35.69 -3.48 -17.22
N THR F 29 -35.04 -4.62 -17.50
CA THR F 29 -35.73 -5.73 -18.18
C THR F 29 -36.87 -6.23 -17.30
N GLN F 30 -36.61 -6.47 -16.03
CA GLN F 30 -37.67 -7.03 -15.18
C GLN F 30 -38.73 -5.99 -14.83
N ASP F 31 -38.39 -4.70 -14.74
CA ASP F 31 -39.46 -3.71 -14.55
C ASP F 31 -40.40 -3.76 -15.73
N LEU F 32 -39.80 -3.84 -16.90
CA LEU F 32 -40.55 -3.81 -18.14
C LEU F 32 -41.46 -5.03 -18.22
N ARG F 33 -40.94 -6.18 -17.81
CA ARG F 33 -41.75 -7.40 -17.77
C ARG F 33 -42.89 -7.31 -16.74
N ALA F 34 -42.65 -6.58 -15.66
CA ALA F 34 -43.66 -6.39 -14.60
C ALA F 34 -44.83 -5.50 -14.99
N MET F 35 -44.72 -4.78 -16.10
CA MET F 35 -45.81 -3.95 -16.55
C MET F 35 -46.98 -4.80 -17.04
N PRO F 36 -48.21 -4.28 -16.93
CA PRO F 36 -49.36 -4.99 -17.45
C PRO F 36 -49.38 -5.05 -18.97
N ASN F 37 -49.88 -6.16 -19.51
CA ASN F 37 -49.83 -6.44 -20.96
C ASN F 37 -50.46 -5.39 -21.85
N TRP F 38 -51.61 -4.84 -21.44
CA TRP F 38 -52.25 -3.74 -22.21
C TRP F 38 -51.33 -2.51 -22.34
N SER F 39 -50.45 -2.28 -21.37
CA SER F 39 -49.52 -1.13 -21.43
C SER F 39 -48.23 -1.44 -22.19
N LEU F 40 -47.82 -2.70 -22.20
CA LEU F 40 -46.64 -3.13 -22.96
C LEU F 40 -46.82 -2.93 -24.44
N ARG F 41 -48.03 -3.12 -24.95
CA ARG F 41 -48.39 -2.76 -26.32
C ARG F 41 -47.77 -1.44 -26.81
N PHE F 42 -47.52 -0.52 -25.88
CA PHE F 42 -47.20 0.88 -26.18
C PHE F 42 -45.77 1.31 -25.80
N VAL F 43 -44.95 0.42 -25.27
CA VAL F 43 -43.56 0.75 -24.95
C VAL F 43 -42.61 -0.33 -25.41
N TYR F 44 -41.50 0.09 -25.99
CA TYR F 44 -40.42 -0.82 -26.31
C TYR F 44 -39.14 -0.20 -25.81
N ILE F 45 -38.20 -1.04 -25.38
CA ILE F 45 -36.89 -0.54 -25.01
C ILE F 45 -35.88 -1.32 -25.82
N VAL F 46 -35.27 -0.65 -26.77
CA VAL F 46 -34.45 -1.29 -27.80
C VAL F 46 -32.95 -1.17 -27.55
N ASP F 47 -32.26 -2.30 -27.45
CA ASP F 47 -30.84 -2.27 -27.09
C ASP F 47 -29.98 -1.99 -28.32
N ARG F 48 -28.69 -1.97 -28.16
CA ARG F 48 -27.72 -1.73 -29.25
C ARG F 48 -27.80 -2.72 -30.43
N ASN F 49 -28.32 -3.92 -30.20
CA ASN F 49 -28.49 -4.90 -31.30
C ASN F 49 -29.86 -4.80 -31.93
N ASN F 50 -30.52 -3.69 -31.68
CA ASN F 50 -31.86 -3.49 -32.19
C ASN F 50 -32.86 -4.55 -31.72
N GLN F 51 -32.67 -5.05 -30.51
CA GLN F 51 -33.56 -6.02 -29.87
C GLN F 51 -34.24 -5.38 -28.66
N ASP F 52 -35.55 -5.61 -28.56
CA ASP F 52 -36.34 -5.21 -27.43
C ASP F 52 -35.84 -6.01 -26.28
N LEU F 53 -35.87 -5.40 -25.08
CA LEU F 53 -35.35 -6.06 -23.87
C LEU F 53 -36.10 -7.34 -23.51
N LEU F 54 -37.37 -7.47 -23.91
CA LEU F 54 -38.11 -8.72 -23.72
C LEU F 54 -38.12 -9.55 -24.99
N LYS F 55 -37.23 -9.27 -25.93
CA LYS F 55 -37.15 -10.02 -27.20
C LYS F 55 -38.43 -10.02 -28.01
N ARG F 56 -39.25 -8.99 -27.89
CA ARG F 56 -40.50 -8.89 -28.70
C ARG F 56 -40.20 -8.41 -30.11
N PRO F 57 -40.95 -8.90 -31.09
CA PRO F 57 -40.70 -8.36 -32.41
C PRO F 57 -41.05 -6.91 -32.44
N LEU F 58 -40.26 -6.10 -33.13
CA LEU F 58 -40.47 -4.66 -33.14
C LEU F 58 -41.51 -4.24 -34.20
N PRO F 59 -42.63 -3.63 -33.76
CA PRO F 59 -43.63 -3.21 -34.75
C PRO F 59 -43.01 -2.25 -35.76
N PRO F 60 -43.57 -2.20 -36.96
CA PRO F 60 -42.93 -1.34 -37.94
C PRO F 60 -43.11 0.06 -37.45
N GLY F 61 -42.13 0.92 -37.69
CA GLY F 61 -42.24 2.27 -37.20
C GLY F 61 -41.22 2.48 -36.13
N ILE F 62 -41.09 1.54 -35.21
CA ILE F 62 -40.04 1.66 -34.21
C ILE F 62 -38.68 1.83 -34.94
N MET F 63 -38.49 1.07 -36.02
CA MET F 63 -37.23 1.07 -36.78
C MET F 63 -37.06 2.28 -37.67
N VAL F 64 -38.11 3.09 -37.81
CA VAL F 64 -37.95 4.37 -38.51
C VAL F 64 -37.29 5.31 -37.51
N LEU F 65 -37.78 5.24 -36.27
CA LEU F 65 -37.38 6.16 -35.18
C LEU F 65 -36.04 5.83 -34.56
N ALA F 66 -35.82 4.54 -34.31
CA ALA F 66 -34.65 4.12 -33.56
C ALA F 66 -33.30 4.64 -34.11
N PRO F 67 -33.02 4.42 -35.40
CA PRO F 67 -31.75 4.90 -35.94
C PRO F 67 -31.46 6.39 -35.76
N ARG F 68 -32.49 7.20 -35.53
CA ARG F 68 -32.28 8.65 -35.35
C ARG F 68 -31.84 9.03 -33.94
N LEU F 69 -32.19 8.16 -33.01
CA LEU F 69 -31.96 8.44 -31.62
C LEU F 69 -30.50 8.09 -31.28
N THR F 70 -29.79 9.10 -30.83
CA THR F 70 -28.36 9.10 -30.86
C THR F 70 -27.78 9.82 -29.64
N ALA F 71 -26.54 9.57 -29.28
CA ALA F 71 -25.93 10.32 -28.15
C ALA F 71 -26.02 11.84 -28.39
N LYS F 72 -25.73 12.25 -29.60
CA LYS F 72 -25.79 13.65 -29.96
C LYS F 72 -27.19 14.22 -30.18
N HIS F 73 -28.12 13.37 -30.58
CA HIS F 73 -29.51 13.77 -30.81
C HIS F 73 -30.41 12.69 -30.19
N PRO F 74 -30.58 12.75 -28.89
CA PRO F 74 -31.24 11.69 -28.18
C PRO F 74 -32.77 11.63 -28.29
N TYR F 75 -33.42 12.72 -28.66
CA TYR F 75 -34.89 12.72 -28.65
C TYR F 75 -35.47 12.94 -30.06
N ASP F 76 -36.58 12.28 -30.37
CA ASP F 76 -37.31 12.54 -31.60
C ASP F 76 -38.71 11.96 -31.56
N LYS F 77 -39.56 12.47 -32.45
CA LYS F 77 -40.95 12.08 -32.59
C LYS F 77 -41.28 11.86 -34.09
N VAL F 78 -42.00 10.79 -34.38
CA VAL F 78 -42.37 10.51 -35.74
C VAL F 78 -43.83 10.14 -35.85
N GLN F 79 -44.47 10.60 -36.92
CA GLN F 79 -45.81 10.14 -37.31
C GLN F 79 -45.62 9.02 -38.31
N ASP F 80 -46.21 7.89 -38.03
CA ASP F 80 -46.10 6.73 -38.90
C ASP F 80 -47.39 5.91 -38.83
N ARG F 81 -47.99 5.66 -39.99
CA ARG F 81 -49.14 4.75 -40.08
C ARG F 81 -50.25 5.10 -39.08
N ASN F 82 -50.61 6.38 -38.95
CA ASN F 82 -51.70 6.74 -38.01
C ASN F 82 -51.37 6.52 -36.50
N ARG F 83 -50.10 6.30 -36.16
CA ARG F 83 -49.66 6.36 -34.77
C ARG F 83 -48.59 7.41 -34.66
N LYS F 84 -48.46 8.01 -33.48
CA LYS F 84 -47.33 8.87 -33.16
C LYS F 84 -46.35 8.07 -32.35
N LEU F 85 -45.07 8.17 -32.67
CA LEU F 85 -44.00 7.48 -31.93
C LEU F 85 -43.09 8.54 -31.30
N TYR F 86 -42.74 8.35 -30.03
CA TYR F 86 -41.80 9.24 -29.32
C TYR F 86 -40.64 8.40 -28.82
N GLY F 87 -39.42 8.92 -28.92
CA GLY F 87 -38.24 8.09 -28.58
C GLY F 87 -37.13 8.84 -27.88
N ARG F 88 -36.41 8.11 -27.01
CA ARG F 88 -35.31 8.68 -26.24
C ARG F 88 -34.16 7.69 -26.01
N HIS F 89 -32.97 8.08 -26.44
CA HIS F 89 -31.75 7.33 -26.19
C HIS F 89 -31.24 7.73 -24.83
N ILE F 90 -30.91 6.74 -23.99
CA ILE F 90 -30.27 7.02 -22.71
C ILE F 90 -29.21 5.96 -22.49
N THR F 91 -28.27 6.20 -21.59
CA THR F 91 -27.31 5.19 -21.19
C THR F 91 -27.61 4.80 -19.77
N LEU F 92 -27.77 3.51 -19.51
CA LEU F 92 -28.05 3.04 -18.15
C LEU F 92 -26.77 3.08 -17.27
N ASN F 93 -26.89 2.83 -15.97
CA ASN F 93 -25.72 2.95 -15.04
C ASN F 93 -24.67 1.84 -15.25
N ASP F 94 -25.18 0.82 -15.93
CA ASP F 94 -24.49 -0.20 -16.73
C ASP F 94 -23.42 0.21 -17.73
N GLY F 95 -23.61 1.35 -18.38
CA GLY F 95 -22.89 1.60 -19.62
C GLY F 95 -23.60 1.16 -20.90
N ASN F 96 -24.70 0.43 -20.77
CA ASN F 96 -25.47 -0.10 -21.92
C ASN F 96 -26.49 0.92 -22.34
N SER F 97 -26.44 1.25 -23.63
CA SER F 97 -27.32 2.23 -24.24
C SER F 97 -28.59 1.58 -24.76
N VAL F 98 -29.72 2.23 -24.50
CA VAL F 98 -31.00 1.71 -24.89
C VAL F 98 -31.82 2.88 -25.42
N LYS F 99 -32.82 2.55 -26.24
CA LYS F 99 -33.70 3.52 -26.82
C LYS F 99 -35.09 3.18 -26.38
N VAL F 100 -35.64 4.02 -25.52
CA VAL F 100 -37.00 3.84 -25.03
C VAL F 100 -37.94 4.48 -26.04
N VAL F 101 -38.88 3.69 -26.56
CA VAL F 101 -39.78 4.18 -27.57
C VAL F 101 -41.20 3.91 -27.14
N THR F 102 -42.07 4.92 -27.19
CA THR F 102 -43.49 4.73 -26.96
C THR F 102 -44.34 5.05 -28.21
N ILE F 103 -45.52 4.40 -28.30
CA ILE F 103 -46.44 4.49 -29.42
C ILE F 103 -47.85 4.84 -28.96
N SER F 104 -48.58 5.63 -29.72
CA SER F 104 -49.91 6.08 -29.32
C SER F 104 -51.07 5.12 -29.75
N ALA F 105 -52.32 5.52 -29.46
CA ALA F 105 -53.57 4.98 -30.12
C ALA F 105 -53.62 3.44 -30.30
P PO4 G . 38.13 9.79 22.95
O1 PO4 G . 38.85 8.47 22.81
O2 PO4 G . 38.33 10.59 21.69
O3 PO4 G . 36.64 9.57 23.16
O4 PO4 G . 38.58 10.60 24.14
CL CL H . 32.34 -1.88 16.28
P PO4 I . 19.85 6.18 16.05
O1 PO4 I . 20.17 4.85 15.39
O2 PO4 I . 19.09 7.01 15.05
O3 PO4 I . 18.99 6.02 17.30
O4 PO4 I . 21.14 6.84 16.53
P PO4 J . 12.15 6.24 0.81
O1 PO4 J . 11.81 4.94 1.53
O2 PO4 J . 13.13 5.89 -0.30
O3 PO4 J . 10.91 6.92 0.17
O4 PO4 J . 12.84 7.12 1.81
CL CL K . -0.67 -0.95 1.01
P PO4 L . -5.17 10.23 -7.72
O1 PO4 L . -5.93 8.99 -7.29
O2 PO4 L . -5.33 10.39 -9.23
O3 PO4 L . -5.79 11.37 -6.95
O4 PO4 L . -3.72 10.08 -7.29
P PO4 M . -13.90 4.82 -20.93
O1 PO4 M . -13.97 3.56 -21.72
O2 PO4 M . -13.95 6.07 -21.76
O3 PO4 M . -15.02 4.79 -19.90
O4 PO4 M . -12.57 4.79 -20.21
P PO4 N . -25.77 11.82 -35.13
O1 PO4 N . -25.96 10.56 -35.99
O2 PO4 N . -25.72 13.04 -36.02
O3 PO4 N . -26.95 12.05 -34.19
O4 PO4 N . -24.53 11.79 -34.27
CL CL O . -27.94 9.20 -20.68
#